data_9H6N
#
_entry.id   9H6N
#
_cell.length_a   136.748
_cell.length_b   136.748
_cell.length_c   144.358
_cell.angle_alpha   90.000
_cell.angle_beta   90.000
_cell.angle_gamma   120.000
#
_symmetry.space_group_name_H-M   'P 64'
#
loop_
_entity.id
_entity.type
_entity.pdbx_description
1 polymer 'Tryptophan 6-halogenase'
2 non-polymer 6-BROMO-TRYPTOPHAN
3 non-polymer 'PHOSPHATE ION'
4 non-polymer GLYCEROL
5 water water
#
_entity_poly.entity_id   1
_entity_poly.type   'polypeptide(L)'
_entity_poly.pdbx_seq_one_letter_code
;GAMGDNRIKTVVILGGGTAGWMTAAYLGKALQNTVKIVVLEAPTIPRIGVGEATVPNLQRAFFDYLGIPEEEWMRECNAS
YKMAVKFINWRTPGEGSPDPRTLDDGHTDTFHHPFGLLPSADQIPLSHYWAAKRLQGETDENFDEACFADTAIMNAKKAP
RFLDMRRATNYAWHFDASKVAAFLRNFAVTKQAVEHVEDEMTEVLTDERGFITALRTKSGRILQGDLFVDCSGFRGLLIN
KAMEEPFIDMSDHLLCNSAVATAVPHDDEKNGVEPYTSSIAMEAGWTWKIPMLGRFGSGHVYSDHFATQDEATLAFSKLW
GLDPDNTEFNHVRFRVGRNRRAWVRNCVSVGLASCFVEPLESSGIYFIYAAIHMLAKHFPDKTFDKVLVDRFNREIEEMF
DDTRDFLQAHYYFSPRVDTPFWRANKELKLADSIKDKVETYRAGLPVNLPVTDEGTYYGNFEAEFRNFWTNGSYYCIFAG
LGLMPRNPLPALAYKPQSIAEAELLFADVKRKGDTLVESLPSTYDLLRQLHGAS
;
_entity_poly.pdbx_strand_id   A,B
#
loop_
_chem_comp.id
_chem_comp.type
_chem_comp.name
_chem_comp.formula
GOL non-polymer GLYCEROL 'C3 H8 O3'
PO4 non-polymer 'PHOSPHATE ION' 'O4 P -3'
#
# COMPACT_ATOMS: atom_id res chain seq x y z
N ASP A 5 15.28 31.83 13.79
CA ASP A 5 14.00 31.40 13.25
C ASP A 5 13.98 31.50 11.72
N ASN A 6 14.21 30.37 11.05
CA ASN A 6 14.24 30.31 9.60
C ASN A 6 12.92 29.83 9.01
N ARG A 7 11.84 29.91 9.78
CA ARG A 7 10.54 29.41 9.36
C ARG A 7 9.89 30.36 8.36
N ILE A 8 8.98 29.79 7.56
CA ILE A 8 8.03 30.61 6.81
C ILE A 8 7.20 31.40 7.81
N LYS A 9 7.08 32.71 7.59
CA LYS A 9 6.27 33.53 8.46
C LYS A 9 4.93 33.92 7.85
N THR A 10 4.85 34.03 6.52
CA THR A 10 3.64 34.45 5.85
C THR A 10 3.41 33.60 4.62
N VAL A 11 2.18 33.10 4.46
CA VAL A 11 1.76 32.37 3.27
C VAL A 11 0.73 33.23 2.54
N VAL A 12 0.98 33.50 1.26
CA VAL A 12 0.09 34.28 0.42
C VAL A 12 -0.56 33.34 -0.59
N ILE A 13 -1.89 33.31 -0.60
CA ILE A 13 -2.66 32.44 -1.48
C ILE A 13 -3.32 33.31 -2.53
N LEU A 14 -2.98 33.06 -3.79
CA LEU A 14 -3.54 33.82 -4.91
C LEU A 14 -4.78 33.11 -5.41
N GLY A 15 -5.93 33.77 -5.29
CA GLY A 15 -7.17 33.20 -5.80
C GLY A 15 -8.03 32.59 -4.72
N GLY A 16 -9.35 32.76 -4.84
CA GLY A 16 -10.28 32.19 -3.88
C GLY A 16 -10.89 30.90 -4.37
N GLY A 17 -12.22 30.86 -4.43
CA GLY A 17 -12.88 29.63 -4.81
C GLY A 17 -12.64 28.53 -3.79
N THR A 18 -13.00 27.31 -4.20
CA THR A 18 -12.82 26.17 -3.31
C THR A 18 -11.35 25.90 -3.06
N ALA A 19 -10.51 26.01 -4.09
CA ALA A 19 -9.09 25.70 -3.92
C ALA A 19 -8.44 26.66 -2.93
N GLY A 20 -8.68 27.97 -3.09
CA GLY A 20 -8.02 28.94 -2.24
C GLY A 20 -8.44 28.83 -0.78
N TRP A 21 -9.74 28.66 -0.52
CA TRP A 21 -10.24 28.67 0.84
C TRP A 21 -10.14 27.31 1.53
N MET A 22 -10.06 26.21 0.77
CA MET A 22 -9.69 24.95 1.38
C MET A 22 -8.22 24.99 1.82
N THR A 23 -7.36 25.61 1.01
CA THR A 23 -5.95 25.75 1.38
C THR A 23 -5.80 26.65 2.60
N ALA A 24 -6.48 27.80 2.59
CA ALA A 24 -6.37 28.74 3.70
C ALA A 24 -6.90 28.13 4.99
N ALA A 25 -8.07 27.49 4.92
CA ALA A 25 -8.65 26.90 6.12
C ALA A 25 -7.81 25.74 6.63
N TYR A 26 -7.34 24.86 5.73
CA TYR A 26 -6.57 23.70 6.15
C TYR A 26 -5.23 24.11 6.75
N LEU A 27 -4.50 25.00 6.08
CA LEU A 27 -3.22 25.44 6.62
C LEU A 27 -3.39 26.24 7.90
N GLY A 28 -4.52 26.93 8.07
CA GLY A 28 -4.79 27.58 9.34
C GLY A 28 -4.80 26.62 10.49
N LYS A 29 -5.29 25.39 10.26
CA LYS A 29 -5.31 24.38 11.31
C LYS A 29 -3.96 23.66 11.41
N ALA A 30 -3.38 23.29 10.27
CA ALA A 30 -2.17 22.48 10.28
C ALA A 30 -0.97 23.24 10.84
N LEU A 31 -0.89 24.53 10.59
CA LEU A 31 0.25 25.33 11.05
C LEU A 31 0.02 25.95 12.43
N GLN A 32 -1.15 25.71 13.04
CA GLN A 32 -1.37 26.01 14.46
C GLN A 32 -1.11 27.48 14.80
N ASN A 33 -1.50 28.36 13.89
CA ASN A 33 -1.42 29.82 14.09
C ASN A 33 0.02 30.29 14.33
N THR A 34 1.00 29.58 13.77
CA THR A 34 2.38 30.05 13.77
C THR A 34 2.75 30.80 12.50
N VAL A 35 1.84 30.86 11.53
CA VAL A 35 2.09 31.46 10.22
C VAL A 35 0.90 32.34 9.86
N LYS A 36 1.19 33.56 9.40
CA LYS A 36 0.13 34.43 8.89
C LYS A 36 -0.28 33.98 7.49
N ILE A 37 -1.59 33.91 7.25
CA ILE A 37 -2.13 33.43 5.98
C ILE A 37 -2.95 34.54 5.35
N VAL A 38 -2.64 34.85 4.09
CA VAL A 38 -3.30 35.92 3.34
C VAL A 38 -3.89 35.32 2.06
N VAL A 39 -5.13 35.68 1.76
CA VAL A 39 -5.80 35.28 0.53
C VAL A 39 -6.05 36.53 -0.30
N LEU A 40 -5.53 36.53 -1.54
CA LEU A 40 -5.78 37.60 -2.49
C LEU A 40 -6.80 37.09 -3.50
N GLU A 41 -8.03 37.60 -3.41
CA GLU A 41 -9.14 37.09 -4.20
C GLU A 41 -9.77 38.23 -4.98
N ALA A 42 -9.68 38.16 -6.30
CA ALA A 42 -10.33 39.15 -7.14
C ALA A 42 -11.84 39.00 -7.04
N PRO A 43 -12.57 40.08 -6.77
CA PRO A 43 -14.04 39.98 -6.76
C PRO A 43 -14.56 39.69 -8.16
N THR A 44 -15.48 38.73 -8.25
CA THR A 44 -16.00 38.30 -9.55
C THR A 44 -17.52 38.26 -9.49
N ILE A 45 -18.12 38.31 -10.67
CA ILE A 45 -19.58 38.27 -10.82
C ILE A 45 -20.03 36.85 -10.56
N PRO A 46 -20.97 36.63 -9.63
CA PRO A 46 -21.37 35.26 -9.27
C PRO A 46 -22.08 34.57 -10.43
N ARG A 47 -21.55 33.43 -10.84
CA ARG A 47 -22.14 32.62 -11.89
C ARG A 47 -23.13 31.63 -11.28
N ILE A 48 -23.99 31.08 -12.14
CA ILE A 48 -24.96 30.08 -11.69
C ILE A 48 -24.23 28.83 -11.23
N GLY A 49 -24.77 28.18 -10.19
CA GLY A 49 -24.13 27.02 -9.62
C GLY A 49 -24.43 25.75 -10.38
N VAL A 50 -23.42 25.22 -11.08
CA VAL A 50 -23.62 24.07 -11.95
C VAL A 50 -23.39 22.74 -11.23
N GLY A 51 -22.97 22.77 -9.96
CA GLY A 51 -22.86 21.54 -9.20
C GLY A 51 -21.48 20.93 -9.16
N GLU A 52 -21.12 20.38 -8.00
CA GLU A 52 -19.86 19.67 -7.82
C GLU A 52 -20.12 18.39 -7.04
N ALA A 53 -19.39 17.33 -7.39
CA ALA A 53 -19.45 16.07 -6.67
C ALA A 53 -18.14 15.83 -5.93
N THR A 54 -18.19 14.94 -4.94
CA THR A 54 -17.05 14.71 -4.05
C THR A 54 -16.88 13.21 -3.84
N VAL A 55 -15.94 12.86 -2.96
CA VAL A 55 -15.67 11.49 -2.58
C VAL A 55 -15.87 11.38 -1.07
N PRO A 56 -16.11 10.16 -0.56
CA PRO A 56 -16.51 10.01 0.85
C PRO A 56 -15.52 10.54 1.87
N ASN A 57 -14.22 10.61 1.54
CA ASN A 57 -13.23 10.99 2.55
C ASN A 57 -13.28 12.47 2.93
N LEU A 58 -14.09 13.27 2.24
CA LEU A 58 -14.04 14.72 2.43
C LEU A 58 -14.43 15.12 3.85
N GLN A 59 -15.44 14.46 4.43
CA GLN A 59 -15.87 14.83 5.77
C GLN A 59 -14.82 14.48 6.82
N ARG A 60 -14.31 13.25 6.77
CA ARG A 60 -13.34 12.80 7.76
C ARG A 60 -12.00 13.53 7.58
N ALA A 61 -11.54 13.67 6.35
CA ALA A 61 -10.20 14.18 6.12
C ALA A 61 -10.12 15.70 6.19
N PHE A 62 -11.21 16.40 5.84
CA PHE A 62 -11.17 17.85 5.75
C PHE A 62 -12.07 18.53 6.80
N PHE A 63 -13.38 18.30 6.75
CA PHE A 63 -14.29 19.04 7.62
C PHE A 63 -14.13 18.64 9.09
N ASP A 64 -13.99 17.34 9.36
CA ASP A 64 -13.75 16.91 10.74
C ASP A 64 -12.41 17.43 11.25
N TYR A 65 -11.41 17.51 10.38
CA TYR A 65 -10.12 18.07 10.75
C TYR A 65 -10.25 19.52 11.18
N LEU A 66 -11.16 20.27 10.56
CA LEU A 66 -11.43 21.65 10.93
C LEU A 66 -12.49 21.77 12.02
N GLY A 67 -13.07 20.66 12.45
CA GLY A 67 -14.09 20.70 13.48
C GLY A 67 -15.44 21.20 13.01
N ILE A 68 -15.75 21.07 11.72
CA ILE A 68 -17.01 21.54 11.15
C ILE A 68 -17.94 20.34 11.03
N PRO A 69 -19.08 20.32 11.74
CA PRO A 69 -20.00 19.18 11.62
C PRO A 69 -20.58 19.08 10.22
N GLU A 70 -20.91 17.85 9.83
CA GLU A 70 -21.35 17.58 8.46
C GLU A 70 -22.65 18.33 8.15
N GLU A 71 -23.63 18.27 9.07
CA GLU A 71 -24.91 18.89 8.81
C GLU A 71 -24.80 20.42 8.76
N GLU A 72 -23.83 20.99 9.48
CA GLU A 72 -23.69 22.44 9.52
C GLU A 72 -23.33 22.99 8.15
N TRP A 73 -22.30 22.42 7.51
CA TRP A 73 -21.89 22.95 6.22
C TRP A 73 -22.80 22.49 5.09
N MET A 74 -23.44 21.32 5.23
CA MET A 74 -24.37 20.87 4.19
C MET A 74 -25.56 21.81 4.07
N ARG A 75 -26.05 22.33 5.20
CA ARG A 75 -27.22 23.20 5.18
C ARG A 75 -26.92 24.56 4.57
N GLU A 76 -25.67 25.01 4.60
CA GLU A 76 -25.30 26.31 4.06
C GLU A 76 -24.90 26.25 2.59
N CYS A 77 -24.99 25.08 1.94
N CYS A 77 -25.01 25.08 1.96
CA CYS A 77 -24.64 25.01 0.53
CA CYS A 77 -24.59 24.94 0.57
C CYS A 77 -25.60 24.14 -0.27
C CYS A 77 -25.59 24.12 -0.26
N ASN A 78 -26.79 23.88 0.26
CA ASN A 78 -27.82 23.06 -0.41
CA ASN A 78 -27.81 23.07 -0.43
C ASN A 78 -27.24 21.73 -0.87
N ALA A 79 -26.51 21.08 0.04
CA ALA A 79 -25.84 19.84 -0.29
C ALA A 79 -26.81 18.67 -0.34
N SER A 80 -26.51 17.71 -1.20
CA SER A 80 -27.26 16.48 -1.33
C SER A 80 -26.30 15.30 -1.20
N TYR A 81 -26.84 14.08 -1.34
CA TYR A 81 -26.09 12.85 -1.09
C TYR A 81 -25.75 12.14 -2.39
N LYS A 82 -24.56 11.53 -2.42
CA LYS A 82 -24.06 10.83 -3.60
C LYS A 82 -23.55 9.45 -3.18
N MET A 83 -24.12 8.41 -3.77
CA MET A 83 -23.68 7.05 -3.49
C MET A 83 -22.88 6.42 -4.62
N ALA A 84 -22.83 7.06 -5.79
CA ALA A 84 -22.10 6.54 -6.95
C ALA A 84 -22.19 7.57 -8.07
N VAL A 85 -21.45 7.29 -9.14
CA VAL A 85 -21.71 7.87 -10.45
C VAL A 85 -22.36 6.80 -11.31
N LYS A 86 -23.39 7.18 -12.06
CA LYS A 86 -24.16 6.24 -12.88
C LYS A 86 -23.96 6.60 -14.34
N PHE A 87 -23.39 5.68 -15.12
CA PHE A 87 -23.10 5.90 -16.53
C PHE A 87 -24.27 5.43 -17.39
N ILE A 88 -24.72 6.31 -18.28
CA ILE A 88 -25.93 6.09 -19.08
C ILE A 88 -25.56 6.20 -20.56
N ASN A 89 -25.85 5.13 -21.31
CA ASN A 89 -25.73 5.10 -22.77
C ASN A 89 -24.28 5.18 -23.24
N TRP A 90 -23.34 4.72 -22.42
CA TRP A 90 -21.94 4.68 -22.82
C TRP A 90 -21.61 3.47 -23.68
N ARG A 91 -22.55 2.54 -23.87
N ARG A 91 -22.55 2.55 -23.87
CA ARG A 91 -22.31 1.35 -24.65
CA ARG A 91 -22.32 1.34 -24.64
C ARG A 91 -23.14 1.27 -25.93
C ARG A 91 -23.19 1.23 -25.89
N THR A 92 -24.08 2.20 -26.13
CA THR A 92 -24.97 2.14 -27.29
C THR A 92 -24.87 3.41 -28.12
N PRO A 93 -24.95 3.30 -29.44
CA PRO A 93 -24.90 4.50 -30.29
C PRO A 93 -26.19 5.28 -30.24
N GLY A 94 -26.10 6.56 -30.60
CA GLY A 94 -27.28 7.37 -30.71
C GLY A 94 -27.15 8.79 -30.20
N GLU A 95 -28.23 9.56 -30.36
CA GLU A 95 -28.29 10.92 -29.85
C GLU A 95 -28.27 10.91 -28.32
N GLY A 96 -27.99 12.07 -27.75
CA GLY A 96 -28.02 12.21 -26.30
C GLY A 96 -29.45 12.08 -25.78
N SER A 97 -29.62 11.25 -24.76
CA SER A 97 -30.93 11.08 -24.13
C SER A 97 -30.74 10.80 -22.65
N PRO A 98 -31.56 11.39 -21.77
CA PRO A 98 -31.47 11.04 -20.35
C PRO A 98 -31.97 9.64 -20.04
N ASP A 99 -32.72 9.01 -20.97
CA ASP A 99 -33.24 7.66 -20.79
C ASP A 99 -32.29 6.63 -21.37
N PRO A 100 -31.99 5.55 -20.64
CA PRO A 100 -31.04 4.56 -21.15
C PRO A 100 -31.63 3.71 -22.26
N ARG A 101 -30.79 3.42 -23.27
CA ARG A 101 -31.17 2.52 -24.34
C ARG A 101 -31.01 1.07 -23.90
N THR A 102 -31.26 0.15 -24.82
CA THR A 102 -31.19 -1.28 -24.55
C THR A 102 -30.05 -1.90 -25.36
N LEU A 103 -29.20 -2.67 -24.69
CA LEU A 103 -28.13 -3.37 -25.38
C LEU A 103 -28.69 -4.51 -26.24
N ASP A 104 -27.82 -5.09 -27.05
CA ASP A 104 -28.24 -6.19 -27.92
C ASP A 104 -28.62 -7.43 -27.12
N ASP A 105 -28.00 -7.63 -25.96
CA ASP A 105 -28.28 -8.80 -25.13
C ASP A 105 -29.47 -8.59 -24.20
N GLY A 106 -30.16 -7.44 -24.31
CA GLY A 106 -31.35 -7.17 -23.54
C GLY A 106 -31.14 -6.34 -22.30
N HIS A 107 -29.91 -6.20 -21.82
CA HIS A 107 -29.65 -5.39 -20.64
C HIS A 107 -29.88 -3.92 -20.94
N THR A 108 -30.26 -3.18 -19.90
CA THR A 108 -30.38 -1.73 -20.00
C THR A 108 -28.99 -1.11 -19.89
N ASP A 109 -28.75 -0.06 -20.68
CA ASP A 109 -27.42 0.53 -20.80
C ASP A 109 -27.15 1.49 -19.64
N THR A 110 -27.04 0.91 -18.45
CA THR A 110 -26.60 1.65 -17.27
C THR A 110 -25.65 0.76 -16.47
N PHE A 111 -24.67 1.40 -15.83
CA PHE A 111 -23.87 0.71 -14.82
C PHE A 111 -23.37 1.74 -13.81
N HIS A 112 -23.13 1.27 -12.60
CA HIS A 112 -22.77 2.13 -11.48
C HIS A 112 -21.31 1.97 -11.09
N HIS A 113 -20.78 2.99 -10.44
CA HIS A 113 -19.45 2.99 -9.85
C HIS A 113 -19.60 3.45 -8.40
N PRO A 114 -20.00 2.57 -7.50
CA PRO A 114 -20.26 2.98 -6.11
C PRO A 114 -18.97 3.01 -5.29
N PHE A 115 -19.12 3.50 -4.06
CA PHE A 115 -18.01 3.59 -3.13
C PHE A 115 -17.91 2.32 -2.29
N GLY A 116 -16.94 2.30 -1.39
CA GLY A 116 -16.72 1.16 -0.52
C GLY A 116 -15.77 0.14 -1.12
N LEU A 117 -15.45 -0.87 -0.31
CA LEU A 117 -14.53 -1.93 -0.69
C LEU A 117 -15.29 -3.26 -0.73
N LEU A 118 -14.92 -4.10 -1.69
CA LEU A 118 -15.62 -5.37 -1.85
C LEU A 118 -15.20 -6.35 -0.76
N PRO A 119 -16.13 -7.15 -0.25
CA PRO A 119 -15.74 -8.24 0.65
C PRO A 119 -14.97 -9.31 -0.11
N SER A 120 -14.31 -10.18 0.64
CA SER A 120 -13.52 -11.24 0.06
C SER A 120 -13.82 -12.57 0.76
N ALA A 121 -13.59 -13.66 0.03
CA ALA A 121 -13.74 -15.01 0.55
C ALA A 121 -12.50 -15.79 0.18
N ASP A 122 -11.82 -16.33 1.19
CA ASP A 122 -10.53 -17.01 0.99
C ASP A 122 -9.52 -16.07 0.34
N GLN A 123 -9.51 -14.82 0.81
CA GLN A 123 -8.59 -13.77 0.36
C GLN A 123 -8.82 -13.38 -1.10
N ILE A 124 -9.95 -13.76 -1.68
CA ILE A 124 -10.26 -13.49 -3.09
C ILE A 124 -11.46 -12.54 -3.12
N PRO A 125 -11.38 -11.43 -3.85
CA PRO A 125 -12.50 -10.47 -3.85
C PRO A 125 -13.76 -11.07 -4.47
N LEU A 126 -14.90 -10.52 -4.06
CA LEU A 126 -16.19 -10.99 -4.56
C LEU A 126 -16.31 -10.80 -6.06
N SER A 127 -15.60 -9.81 -6.62
CA SER A 127 -15.64 -9.58 -8.06
C SER A 127 -15.21 -10.82 -8.84
N HIS A 128 -14.23 -11.55 -8.32
CA HIS A 128 -13.71 -12.72 -9.04
C HIS A 128 -14.68 -13.89 -8.98
N TYR A 129 -15.44 -14.01 -7.90
CA TYR A 129 -16.49 -15.03 -7.85
C TYR A 129 -17.64 -14.67 -8.78
N TRP A 130 -17.96 -13.38 -8.89
CA TRP A 130 -18.97 -12.96 -9.86
C TRP A 130 -18.51 -13.25 -11.28
N ALA A 131 -17.26 -12.91 -11.59
CA ALA A 131 -16.77 -13.10 -12.96
C ALA A 131 -16.79 -14.56 -13.35
N ALA A 132 -16.42 -15.45 -12.42
CA ALA A 132 -16.47 -16.88 -12.71
C ALA A 132 -17.89 -17.33 -13.03
N LYS A 133 -18.88 -16.87 -12.26
CA LYS A 133 -20.27 -17.24 -12.53
C LYS A 133 -20.76 -16.63 -13.84
N ARG A 134 -20.40 -15.38 -14.11
CA ARG A 134 -20.85 -14.74 -15.35
C ARG A 134 -20.23 -15.41 -16.57
N LEU A 135 -18.94 -15.73 -16.51
CA LEU A 135 -18.27 -16.34 -17.66
C LEU A 135 -18.78 -17.75 -17.92
N GLN A 136 -19.22 -18.46 -16.89
CA GLN A 136 -19.73 -19.82 -17.05
C GLN A 136 -21.23 -19.87 -17.28
N GLY A 137 -21.89 -18.71 -17.40
CA GLY A 137 -23.31 -18.68 -17.63
C GLY A 137 -24.17 -19.03 -16.44
N GLU A 138 -23.61 -19.05 -15.24
CA GLU A 138 -24.38 -19.38 -14.04
C GLU A 138 -25.09 -18.16 -13.46
N THR A 139 -24.79 -16.96 -13.94
CA THR A 139 -25.52 -15.77 -13.55
C THR A 139 -25.65 -14.83 -14.74
N ASP A 140 -26.72 -14.05 -14.72
CA ASP A 140 -26.92 -12.97 -15.68
C ASP A 140 -26.95 -11.60 -15.01
N GLU A 141 -26.71 -11.54 -13.70
CA GLU A 141 -26.63 -10.27 -13.00
C GLU A 141 -25.40 -9.50 -13.44
N ASN A 142 -25.55 -8.18 -13.48
CA ASN A 142 -24.41 -7.31 -13.72
C ASN A 142 -23.52 -7.28 -12.48
N PHE A 143 -22.28 -6.82 -12.68
CA PHE A 143 -21.32 -6.81 -11.57
C PHE A 143 -21.81 -5.91 -10.44
N ASP A 144 -22.29 -4.71 -10.77
CA ASP A 144 -22.61 -3.73 -9.73
C ASP A 144 -23.77 -4.18 -8.86
N GLU A 145 -24.79 -4.81 -9.44
CA GLU A 145 -25.93 -5.26 -8.66
C GLU A 145 -25.63 -6.52 -7.85
N ALA A 146 -24.63 -7.31 -8.28
CA ALA A 146 -24.29 -8.53 -7.56
C ALA A 146 -23.39 -8.28 -6.37
N CYS A 147 -22.53 -7.27 -6.44
CA CYS A 147 -21.49 -7.07 -5.43
C CYS A 147 -21.71 -5.84 -4.54
N PHE A 148 -22.67 -4.97 -4.87
CA PHE A 148 -22.93 -3.76 -4.10
C PHE A 148 -24.40 -3.71 -3.73
N ALA A 149 -24.70 -3.68 -2.42
CA ALA A 149 -26.06 -3.40 -1.99
C ALA A 149 -26.50 -1.98 -2.30
N ASP A 150 -25.55 -1.06 -2.52
CA ASP A 150 -25.89 0.32 -2.85
C ASP A 150 -26.68 0.41 -4.16
N THR A 151 -26.42 -0.51 -5.09
CA THR A 151 -27.09 -0.45 -6.40
C THR A 151 -28.61 -0.59 -6.25
N ALA A 152 -29.05 -1.51 -5.39
CA ALA A 152 -30.49 -1.66 -5.16
C ALA A 152 -31.07 -0.45 -4.46
N ILE A 153 -30.32 0.14 -3.53
CA ILE A 153 -30.79 1.33 -2.83
C ILE A 153 -30.90 2.51 -3.81
N MET A 154 -29.93 2.64 -4.71
CA MET A 154 -29.97 3.75 -5.67
C MET A 154 -31.10 3.55 -6.68
N ASN A 155 -31.39 2.31 -7.07
CA ASN A 155 -32.49 2.08 -8.00
C ASN A 155 -33.83 2.49 -7.40
N ALA A 156 -33.96 2.45 -6.08
CA ALA A 156 -35.16 2.90 -5.40
C ALA A 156 -35.04 4.34 -4.90
N LYS A 157 -33.91 5.00 -5.15
CA LYS A 157 -33.70 6.40 -4.78
C LYS A 157 -33.83 6.62 -3.27
N LYS A 158 -33.39 5.64 -2.49
CA LYS A 158 -33.42 5.75 -1.04
C LYS A 158 -32.17 6.47 -0.53
N ALA A 159 -32.30 7.03 0.66
CA ALA A 159 -31.23 7.82 1.26
C ALA A 159 -30.15 6.93 1.86
N PRO A 160 -28.91 7.42 1.96
CA PRO A 160 -27.85 6.64 2.62
C PRO A 160 -27.94 6.63 4.14
N ARG A 161 -28.84 7.42 4.73
CA ARG A 161 -29.07 7.42 6.16
C ARG A 161 -30.56 7.28 6.45
N PHE A 162 -30.88 6.73 7.62
CA PHE A 162 -32.24 6.73 8.10
C PHE A 162 -32.63 8.13 8.55
N LEU A 163 -33.90 8.30 8.96
CA LEU A 163 -34.35 9.63 9.37
C LEU A 163 -33.72 10.05 10.69
N ASP A 164 -33.39 9.10 11.56
CA ASP A 164 -32.66 9.42 12.79
C ASP A 164 -31.16 9.52 12.57
N MET A 165 -30.74 9.59 11.30
CA MET A 165 -29.35 9.82 10.89
C MET A 165 -28.45 8.62 11.13
N ARG A 166 -29.02 7.45 11.39
CA ARG A 166 -28.22 6.24 11.42
C ARG A 166 -27.68 5.93 10.02
N ARG A 167 -26.38 5.69 9.92
CA ARG A 167 -25.78 5.43 8.63
C ARG A 167 -26.23 4.07 8.10
N ALA A 168 -26.54 4.03 6.81
CA ALA A 168 -26.88 2.79 6.11
C ALA A 168 -25.81 2.34 5.13
N THR A 169 -25.12 3.26 4.46
CA THR A 169 -24.09 2.92 3.51
C THR A 169 -23.06 4.04 3.44
N ASN A 170 -22.03 3.84 2.64
CA ASN A 170 -21.08 4.90 2.32
C ASN A 170 -21.72 5.90 1.37
N TYR A 171 -21.24 7.14 1.40
CA TYR A 171 -21.77 8.18 0.52
C TYR A 171 -20.83 9.36 0.48
N ALA A 172 -20.96 10.16 -0.57
CA ALA A 172 -20.28 11.44 -0.70
C ALA A 172 -21.32 12.54 -0.87
N TRP A 173 -20.94 13.68 -1.44
CA TRP A 173 -21.81 14.85 -1.42
C TRP A 173 -21.89 15.52 -2.79
N HIS A 174 -23.06 16.07 -3.07
CA HIS A 174 -23.27 17.07 -4.12
C HIS A 174 -23.46 18.42 -3.45
N PHE A 175 -22.89 19.47 -4.02
CA PHE A 175 -23.12 20.79 -3.45
C PHE A 175 -22.85 21.87 -4.50
N ASP A 176 -23.19 23.10 -4.12
CA ASP A 176 -22.83 24.30 -4.89
C ASP A 176 -21.44 24.74 -4.44
N ALA A 177 -20.50 24.78 -5.40
CA ALA A 177 -19.11 25.07 -5.06
C ALA A 177 -18.93 26.49 -4.54
N SER A 178 -19.70 27.45 -5.08
CA SER A 178 -19.54 28.83 -4.65
C SER A 178 -20.04 29.04 -3.21
N LYS A 179 -21.09 28.32 -2.81
CA LYS A 179 -21.54 28.41 -1.42
C LYS A 179 -20.57 27.73 -0.47
N VAL A 180 -19.93 26.64 -0.91
CA VAL A 180 -18.90 26.01 -0.08
C VAL A 180 -17.72 26.96 0.10
N ALA A 181 -17.30 27.63 -0.98
CA ALA A 181 -16.22 28.60 -0.86
C ALA A 181 -16.61 29.75 0.08
N ALA A 182 -17.84 30.26 -0.06
CA ALA A 182 -18.29 31.33 0.84
C ALA A 182 -18.32 30.86 2.29
N PHE A 183 -18.76 29.62 2.52
CA PHE A 183 -18.76 29.07 3.88
C PHE A 183 -17.34 29.00 4.43
N LEU A 184 -16.40 28.46 3.65
CA LEU A 184 -15.02 28.33 4.10
C LEU A 184 -14.34 29.69 4.23
N ARG A 185 -14.68 30.66 3.39
CA ARG A 185 -14.14 32.00 3.54
C ARG A 185 -14.55 32.59 4.88
N ASN A 186 -15.84 32.50 5.22
CA ASN A 186 -16.31 33.03 6.49
C ASN A 186 -15.67 32.30 7.66
N PHE A 187 -15.52 30.98 7.56
CA PHE A 187 -14.89 30.22 8.63
C PHE A 187 -13.45 30.67 8.84
N ALA A 188 -12.66 30.76 7.76
CA ALA A 188 -11.25 31.07 7.88
C ALA A 188 -11.02 32.50 8.36
N VAL A 189 -11.92 33.42 8.01
CA VAL A 189 -11.72 34.82 8.38
C VAL A 189 -12.16 35.07 9.82
N THR A 190 -13.31 34.52 10.22
CA THR A 190 -13.83 34.81 11.55
C THR A 190 -13.19 33.91 12.63
N LYS A 191 -12.90 32.66 12.30
CA LYS A 191 -12.42 31.70 13.29
C LYS A 191 -10.94 31.37 13.19
N GLN A 192 -10.23 31.84 12.15
CA GLN A 192 -8.85 31.45 11.95
C GLN A 192 -7.90 32.61 11.64
N ALA A 193 -8.36 33.85 11.74
CA ALA A 193 -7.50 35.03 11.60
C ALA A 193 -6.82 35.08 10.23
N VAL A 194 -7.48 34.57 9.20
CA VAL A 194 -6.99 34.70 7.83
C VAL A 194 -7.33 36.08 7.31
N GLU A 195 -6.37 36.72 6.63
CA GLU A 195 -6.59 38.04 6.07
C GLU A 195 -7.09 37.92 4.64
N HIS A 196 -8.23 38.53 4.36
CA HIS A 196 -8.85 38.51 3.03
C HIS A 196 -8.61 39.85 2.35
N VAL A 197 -7.91 39.82 1.22
CA VAL A 197 -7.65 41.00 0.42
C VAL A 197 -8.43 40.86 -0.89
N GLU A 198 -9.45 41.69 -1.07
CA GLU A 198 -10.30 41.64 -2.25
C GLU A 198 -9.74 42.60 -3.30
N ASP A 199 -8.91 42.09 -4.19
CA ASP A 199 -8.27 42.92 -5.20
C ASP A 199 -7.67 42.01 -6.26
N GLU A 200 -7.28 42.61 -7.37
CA GLU A 200 -6.60 41.90 -8.45
C GLU A 200 -5.10 42.08 -8.33
N MET A 201 -4.36 41.05 -8.73
CA MET A 201 -2.90 41.09 -8.73
C MET A 201 -2.42 41.69 -10.04
N THR A 202 -1.44 42.60 -9.95
CA THR A 202 -0.85 43.25 -11.12
C THR A 202 0.61 42.90 -11.35
N GLU A 203 1.37 42.59 -10.29
CA GLU A 203 2.79 42.32 -10.44
C GLU A 203 3.21 41.17 -9.54
N VAL A 204 4.17 40.40 -10.02
CA VAL A 204 4.81 39.33 -9.25
C VAL A 204 6.28 39.71 -9.08
N LEU A 205 6.70 39.94 -7.85
CA LEU A 205 8.04 40.43 -7.55
C LEU A 205 8.93 39.28 -7.12
N THR A 206 10.10 39.17 -7.74
CA THR A 206 11.03 38.07 -7.51
C THR A 206 12.41 38.60 -7.14
N ASP A 207 13.19 37.75 -6.45
CA ASP A 207 14.56 38.07 -6.09
C ASP A 207 15.51 37.57 -7.18
N GLU A 208 16.82 37.66 -6.93
CA GLU A 208 17.81 37.29 -7.94
C GLU A 208 17.69 35.81 -8.34
N ARG A 209 17.27 34.95 -7.44
CA ARG A 209 17.17 33.53 -7.72
C ARG A 209 15.83 33.12 -8.33
N GLY A 210 14.90 34.07 -8.51
CA GLY A 210 13.60 33.74 -9.05
C GLY A 210 12.54 33.39 -8.03
N PHE A 211 12.82 33.55 -6.74
CA PHE A 211 11.82 33.29 -5.71
C PHE A 211 10.89 34.49 -5.59
N ILE A 212 9.59 34.21 -5.44
CA ILE A 212 8.63 35.29 -5.27
C ILE A 212 8.82 35.92 -3.90
N THR A 213 8.90 37.25 -3.87
CA THR A 213 9.01 37.99 -2.62
C THR A 213 7.73 38.73 -2.25
N ALA A 214 6.92 39.12 -3.23
CA ALA A 214 5.70 39.86 -2.96
C ALA A 214 4.82 39.86 -4.20
N LEU A 215 3.55 40.18 -4.01
CA LEU A 215 2.60 40.43 -5.08
C LEU A 215 2.08 41.85 -4.94
N ARG A 216 1.98 42.57 -6.05
CA ARG A 216 1.35 43.87 -6.07
C ARG A 216 -0.10 43.73 -6.51
N THR A 217 -0.99 44.49 -5.87
CA THR A 217 -2.40 44.51 -6.18
C THR A 217 -2.75 45.68 -7.09
N LYS A 218 -3.93 45.60 -7.70
CA LYS A 218 -4.40 46.66 -8.59
C LYS A 218 -4.47 48.01 -7.86
N SER A 219 -4.73 48.01 -6.56
CA SER A 219 -4.82 49.24 -5.79
C SER A 219 -3.45 49.78 -5.39
N GLY A 220 -2.36 49.07 -5.72
CA GLY A 220 -1.02 49.51 -5.40
C GLY A 220 -0.43 48.89 -4.16
N ARG A 221 -1.25 48.23 -3.34
CA ARG A 221 -0.73 47.61 -2.12
C ARG A 221 0.17 46.42 -2.49
N ILE A 222 1.22 46.22 -1.70
CA ILE A 222 2.16 45.14 -1.90
C ILE A 222 1.99 44.12 -0.77
N LEU A 223 1.81 42.86 -1.14
CA LEU A 223 1.64 41.76 -0.19
C LEU A 223 2.92 40.93 -0.18
N GLN A 224 3.71 41.07 0.88
CA GLN A 224 4.93 40.29 1.01
C GLN A 224 4.64 38.94 1.65
N GLY A 225 5.42 37.94 1.25
CA GLY A 225 5.28 36.60 1.78
C GLY A 225 6.55 35.80 1.55
N ASP A 226 6.56 34.61 2.14
CA ASP A 226 7.67 33.67 2.03
C ASP A 226 7.34 32.44 1.22
N LEU A 227 6.08 32.01 1.21
CA LEU A 227 5.61 30.90 0.41
C LEU A 227 4.31 31.31 -0.28
N PHE A 228 4.16 30.96 -1.55
CA PHE A 228 3.04 31.42 -2.36
C PHE A 228 2.32 30.23 -2.96
N VAL A 229 1.00 30.21 -2.82
CA VAL A 229 0.16 29.13 -3.32
C VAL A 229 -0.65 29.68 -4.49
N ASP A 230 -0.46 29.10 -5.67
CA ASP A 230 -1.15 29.53 -6.88
C ASP A 230 -2.48 28.79 -6.96
N CYS A 231 -3.57 29.49 -6.68
CA CYS A 231 -4.93 28.99 -6.87
C CYS A 231 -5.67 29.85 -7.88
N SER A 232 -4.97 30.33 -8.90
CA SER A 232 -5.54 31.28 -9.86
C SER A 232 -6.26 30.61 -11.02
N GLY A 233 -6.38 29.29 -11.02
CA GLY A 233 -7.09 28.60 -12.07
C GLY A 233 -6.23 28.30 -13.28
N PHE A 234 -6.92 28.15 -14.43
CA PHE A 234 -6.26 27.71 -15.66
C PHE A 234 -5.16 28.66 -16.11
N ARG A 235 -5.25 29.93 -15.73
CA ARG A 235 -4.24 30.89 -16.19
C ARG A 235 -2.89 30.62 -15.55
N GLY A 236 -2.86 30.05 -14.35
CA GLY A 236 -1.61 29.77 -13.66
C GLY A 236 -0.74 31.00 -13.53
N LEU A 237 -1.29 32.06 -12.93
CA LEU A 237 -0.64 33.35 -12.94
C LEU A 237 0.73 33.32 -12.29
N LEU A 238 0.94 32.44 -11.32
CA LEU A 238 2.24 32.31 -10.67
C LEU A 238 3.07 31.19 -11.27
N ILE A 239 2.54 29.97 -11.29
CA ILE A 239 3.34 28.81 -11.66
C ILE A 239 3.65 28.81 -13.16
N ASN A 240 2.71 29.24 -13.99
CA ASN A 240 2.88 29.21 -15.44
C ASN A 240 3.35 30.54 -16.02
N LYS A 241 2.73 31.66 -15.65
CA LYS A 241 3.13 32.95 -16.18
C LYS A 241 4.43 33.43 -15.53
N ALA A 242 4.38 33.67 -14.22
CA ALA A 242 5.52 34.28 -13.53
C ALA A 242 6.71 33.33 -13.45
N MET A 243 6.49 32.11 -12.95
CA MET A 243 7.58 31.15 -12.78
C MET A 243 7.94 30.44 -14.08
N GLU A 244 7.12 30.57 -15.13
CA GLU A 244 7.41 30.05 -16.46
C GLU A 244 7.54 28.52 -16.48
N GLU A 245 6.84 27.84 -15.58
CA GLU A 245 6.87 26.38 -15.60
C GLU A 245 5.97 25.85 -16.71
N PRO A 246 6.48 24.99 -17.59
CA PRO A 246 5.66 24.52 -18.71
C PRO A 246 4.55 23.58 -18.27
N PHE A 247 3.43 23.67 -19.00
CA PHE A 247 2.28 22.80 -18.80
C PHE A 247 2.36 21.63 -19.78
N ILE A 248 2.22 20.41 -19.26
CA ILE A 248 2.27 19.22 -20.09
C ILE A 248 0.85 18.93 -20.56
N ASP A 249 0.56 19.27 -21.81
CA ASP A 249 -0.75 18.98 -22.38
C ASP A 249 -0.87 17.49 -22.66
N MET A 250 -1.97 16.90 -22.22
CA MET A 250 -2.20 15.47 -22.36
C MET A 250 -3.48 15.20 -23.14
N SER A 251 -3.72 16.01 -24.17
CA SER A 251 -4.86 15.82 -25.05
C SER A 251 -4.76 14.57 -25.90
N ASP A 252 -3.59 13.95 -25.97
CA ASP A 252 -3.44 12.69 -26.70
C ASP A 252 -3.96 11.49 -25.90
N HIS A 253 -4.46 11.72 -24.68
CA HIS A 253 -5.16 10.71 -23.91
C HIS A 253 -6.64 11.02 -23.70
N LEU A 254 -7.00 12.29 -23.63
CA LEU A 254 -8.38 12.71 -23.40
C LEU A 254 -8.71 13.86 -24.35
N LEU A 255 -9.75 13.69 -25.16
CA LEU A 255 -10.05 14.62 -26.25
C LEU A 255 -10.91 15.81 -25.83
N CYS A 256 -11.69 15.69 -24.76
CA CYS A 256 -12.60 16.77 -24.38
C CYS A 256 -11.82 17.99 -23.90
N ASN A 257 -12.36 19.16 -24.20
CA ASN A 257 -11.69 20.40 -23.83
C ASN A 257 -12.63 21.58 -23.60
N SER A 258 -13.95 21.39 -23.65
CA SER A 258 -14.91 22.47 -23.49
C SER A 258 -16.09 21.98 -22.68
N ALA A 259 -16.90 22.93 -22.21
CA ALA A 259 -18.09 22.57 -21.45
C ALA A 259 -19.09 23.71 -21.52
N VAL A 260 -20.37 23.34 -21.60
CA VAL A 260 -21.49 24.27 -21.46
C VAL A 260 -22.38 23.74 -20.35
N ALA A 261 -22.75 24.61 -19.42
CA ALA A 261 -23.43 24.15 -18.21
C ALA A 261 -24.49 25.15 -17.77
N THR A 262 -25.39 24.68 -16.92
CA THR A 262 -26.45 25.51 -16.35
C THR A 262 -27.03 24.77 -15.15
N ALA A 263 -28.03 25.39 -14.51
CA ALA A 263 -28.80 24.76 -13.45
C ALA A 263 -30.27 24.71 -13.86
N VAL A 264 -30.89 23.56 -13.62
CA VAL A 264 -32.24 23.28 -14.10
C VAL A 264 -33.15 23.11 -12.90
N PRO A 265 -34.25 23.86 -12.78
CA PRO A 265 -35.20 23.60 -11.70
C PRO A 265 -35.79 22.20 -11.84
N HIS A 266 -36.08 21.59 -10.69
CA HIS A 266 -36.49 20.19 -10.67
C HIS A 266 -37.63 20.00 -9.70
N ASP A 267 -38.67 19.28 -10.13
CA ASP A 267 -39.80 18.94 -9.28
C ASP A 267 -39.42 17.73 -8.44
N ASP A 268 -38.87 17.98 -7.25
CA ASP A 268 -38.44 16.90 -6.38
C ASP A 268 -39.63 16.08 -5.88
N GLU A 269 -40.75 16.74 -5.60
CA GLU A 269 -41.91 16.04 -5.07
C GLU A 269 -42.46 15.03 -6.08
N LYS A 270 -42.45 15.38 -7.37
CA LYS A 270 -42.98 14.47 -8.38
C LYS A 270 -41.99 13.37 -8.72
N ASN A 271 -40.73 13.72 -9.01
CA ASN A 271 -39.76 12.78 -9.55
C ASN A 271 -38.84 12.18 -8.50
N GLY A 272 -38.78 12.75 -7.30
CA GLY A 272 -37.79 12.32 -6.33
C GLY A 272 -36.41 12.85 -6.67
N VAL A 273 -35.46 12.56 -5.79
CA VAL A 273 -34.08 13.01 -5.93
C VAL A 273 -33.19 11.78 -6.02
N GLU A 274 -32.35 11.73 -7.05
CA GLU A 274 -31.43 10.61 -7.23
C GLU A 274 -30.21 10.78 -6.34
N PRO A 275 -29.88 9.79 -5.50
CA PRO A 275 -28.69 9.86 -4.64
C PRO A 275 -27.40 9.48 -5.36
N TYR A 276 -27.21 10.04 -6.55
CA TYR A 276 -26.02 9.72 -7.34
C TYR A 276 -25.85 10.75 -8.45
N THR A 277 -24.65 10.79 -9.01
CA THR A 277 -24.34 11.60 -10.18
C THR A 277 -24.52 10.76 -11.44
N SER A 278 -25.10 11.36 -12.47
CA SER A 278 -25.33 10.68 -13.74
C SER A 278 -24.34 11.21 -14.77
N SER A 279 -23.74 10.29 -15.52
CA SER A 279 -22.86 10.62 -16.64
C SER A 279 -23.56 10.13 -17.91
N ILE A 280 -24.18 11.07 -18.63
CA ILE A 280 -25.01 10.76 -19.79
C ILE A 280 -24.17 10.97 -21.04
N ALA A 281 -23.89 9.88 -21.75
CA ALA A 281 -23.06 9.96 -22.96
C ALA A 281 -23.78 10.72 -24.06
N MET A 282 -23.03 11.53 -24.79
CA MET A 282 -23.53 12.36 -25.89
C MET A 282 -22.82 11.98 -27.19
N GLU A 283 -23.16 12.69 -28.26
CA GLU A 283 -22.53 12.40 -29.55
C GLU A 283 -21.09 12.88 -29.60
N ALA A 284 -20.78 13.99 -28.92
CA ALA A 284 -19.43 14.55 -28.94
C ALA A 284 -18.86 14.71 -27.53
N GLY A 285 -19.27 13.85 -26.61
CA GLY A 285 -18.80 13.93 -25.23
C GLY A 285 -19.77 13.30 -24.26
N TRP A 286 -20.05 13.99 -23.15
CA TRP A 286 -20.96 13.48 -22.13
C TRP A 286 -21.49 14.65 -21.31
N THR A 287 -22.55 14.37 -20.56
CA THR A 287 -23.23 15.38 -19.75
C THR A 287 -23.39 14.88 -18.34
N TRP A 288 -23.02 15.71 -17.36
CA TRP A 288 -23.23 15.34 -15.97
C TRP A 288 -24.58 15.83 -15.47
N LYS A 289 -25.08 15.17 -14.43
CA LYS A 289 -26.30 15.59 -13.74
C LYS A 289 -26.04 15.45 -12.24
N ILE A 290 -26.04 16.58 -11.54
CA ILE A 290 -25.71 16.62 -10.13
C ILE A 290 -26.94 17.12 -9.37
N PRO A 291 -27.76 16.21 -8.84
CA PRO A 291 -29.01 16.62 -8.19
C PRO A 291 -28.76 17.30 -6.85
N MET A 292 -29.53 18.35 -6.60
CA MET A 292 -29.60 19.01 -5.30
C MET A 292 -31.06 19.25 -4.97
N LEU A 293 -31.31 19.93 -3.85
CA LEU A 293 -32.68 20.19 -3.41
C LEU A 293 -33.28 21.29 -4.26
N GLY A 294 -34.32 20.95 -5.04
CA GLY A 294 -35.02 21.90 -5.86
C GLY A 294 -34.48 22.09 -7.26
N ARG A 295 -33.28 21.59 -7.54
CA ARG A 295 -32.64 21.80 -8.83
C ARG A 295 -31.51 20.80 -8.99
N PHE A 296 -31.10 20.57 -10.22
CA PHE A 296 -29.89 19.81 -10.49
C PHE A 296 -28.97 20.61 -11.40
N GLY A 297 -27.67 20.54 -11.12
CA GLY A 297 -26.69 21.10 -12.02
C GLY A 297 -26.38 20.14 -13.15
N SER A 298 -26.14 20.69 -14.33
CA SER A 298 -25.86 19.86 -15.50
C SER A 298 -24.87 20.57 -16.40
N GLY A 299 -23.98 19.79 -17.00
CA GLY A 299 -22.98 20.34 -17.91
C GLY A 299 -22.57 19.35 -18.97
N HIS A 300 -22.51 19.80 -20.22
CA HIS A 300 -22.11 18.96 -21.35
C HIS A 300 -20.63 19.17 -21.61
N VAL A 301 -19.82 18.15 -21.31
CA VAL A 301 -18.40 18.16 -21.61
C VAL A 301 -18.20 17.61 -23.02
N TYR A 302 -17.52 18.38 -23.87
CA TYR A 302 -17.38 18.01 -25.27
C TYR A 302 -16.02 18.44 -25.78
N SER A 303 -15.68 17.96 -26.98
CA SER A 303 -14.48 18.36 -27.70
C SER A 303 -14.88 19.32 -28.82
N ASP A 304 -14.28 20.50 -28.83
CA ASP A 304 -14.62 21.48 -29.86
C ASP A 304 -14.05 21.13 -31.24
N HIS A 305 -13.20 20.11 -31.32
CA HIS A 305 -12.79 19.58 -32.62
C HIS A 305 -13.88 18.76 -33.28
N PHE A 306 -14.94 18.39 -32.54
CA PHE A 306 -16.00 17.55 -33.07
C PHE A 306 -17.38 18.16 -32.89
N ALA A 307 -17.49 19.32 -32.24
CA ALA A 307 -18.77 19.99 -32.08
C ALA A 307 -18.49 21.46 -31.78
N THR A 308 -19.17 22.35 -32.50
CA THR A 308 -19.06 23.76 -32.21
C THR A 308 -19.83 24.09 -30.93
N GLN A 309 -19.62 25.31 -30.43
CA GLN A 309 -20.33 25.72 -29.22
C GLN A 309 -21.83 25.69 -29.42
N ASP A 310 -22.31 26.10 -30.59
CA ASP A 310 -23.74 26.08 -30.86
C ASP A 310 -24.27 24.65 -30.95
N GLU A 311 -23.54 23.77 -31.63
CA GLU A 311 -23.95 22.38 -31.74
C GLU A 311 -24.05 21.73 -30.36
N ALA A 312 -23.04 21.94 -29.52
CA ALA A 312 -23.07 21.34 -28.19
C ALA A 312 -24.15 21.97 -27.32
N THR A 313 -24.41 23.27 -27.48
CA THR A 313 -25.44 23.92 -26.69
C THR A 313 -26.83 23.42 -27.07
N LEU A 314 -27.05 23.16 -28.36
CA LEU A 314 -28.36 22.67 -28.80
C LEU A 314 -28.60 21.25 -28.30
N ALA A 315 -27.61 20.37 -28.42
CA ALA A 315 -27.75 19.01 -27.92
C ALA A 315 -27.92 19.00 -26.41
N PHE A 316 -27.22 19.88 -25.71
CA PHE A 316 -27.38 20.01 -24.26
C PHE A 316 -28.78 20.48 -23.90
N SER A 317 -29.29 21.49 -24.61
CA SER A 317 -30.64 21.96 -24.36
C SER A 317 -31.67 20.91 -24.72
N LYS A 318 -31.48 20.23 -25.85
CA LYS A 318 -32.41 19.18 -26.26
C LYS A 318 -32.47 18.06 -25.23
N LEU A 319 -31.37 17.83 -24.51
CA LEU A 319 -31.33 16.78 -23.50
C LEU A 319 -32.41 17.01 -22.44
N TRP A 320 -32.48 18.21 -21.89
CA TRP A 320 -33.42 18.53 -20.81
C TRP A 320 -34.63 19.31 -21.29
N GLY A 321 -34.80 19.47 -22.59
CA GLY A 321 -35.91 20.23 -23.12
C GLY A 321 -35.89 21.70 -22.72
N LEU A 322 -34.74 22.35 -22.89
CA LEU A 322 -34.57 23.74 -22.55
C LEU A 322 -34.66 24.61 -23.79
N ASP A 323 -35.08 25.86 -23.61
CA ASP A 323 -35.08 26.85 -24.68
C ASP A 323 -33.68 27.46 -24.76
N PRO A 324 -32.91 27.15 -25.81
CA PRO A 324 -31.53 27.66 -25.87
C PRO A 324 -31.43 29.17 -25.97
N ASP A 325 -32.49 29.85 -26.41
CA ASP A 325 -32.48 31.30 -26.51
C ASP A 325 -32.94 31.99 -25.23
N ASN A 326 -33.50 31.25 -24.27
CA ASN A 326 -34.02 31.79 -23.03
C ASN A 326 -33.50 30.99 -21.84
N THR A 327 -32.23 30.60 -21.88
CA THR A 327 -31.60 29.85 -20.80
C THR A 327 -30.22 30.42 -20.53
N GLU A 328 -29.88 30.50 -19.25
CA GLU A 328 -28.59 31.05 -18.81
C GLU A 328 -27.53 29.94 -18.87
N PHE A 329 -26.55 30.10 -19.75
CA PHE A 329 -25.50 29.11 -19.94
C PHE A 329 -24.15 29.65 -19.51
N ASN A 330 -23.28 28.74 -19.06
N ASN A 330 -23.27 28.75 -19.10
CA ASN A 330 -21.88 29.04 -18.78
CA ASN A 330 -21.88 29.06 -18.78
C ASN A 330 -21.03 28.23 -19.73
C ASN A 330 -20.97 28.22 -19.66
N HIS A 331 -20.11 28.89 -20.42
CA HIS A 331 -19.22 28.24 -21.37
C HIS A 331 -17.77 28.33 -20.88
N VAL A 332 -17.07 27.20 -20.91
CA VAL A 332 -15.70 27.10 -20.42
C VAL A 332 -14.87 26.33 -21.43
N ARG A 333 -13.62 26.76 -21.61
CA ARG A 333 -12.62 26.04 -22.39
C ARG A 333 -11.47 25.70 -21.47
N PHE A 334 -11.22 24.41 -21.25
CA PHE A 334 -10.23 23.97 -20.27
C PHE A 334 -9.08 23.23 -20.93
N ARG A 335 -7.95 23.23 -20.23
CA ARG A 335 -6.76 22.47 -20.60
C ARG A 335 -6.72 21.17 -19.81
N VAL A 336 -6.26 20.10 -20.46
CA VAL A 336 -6.18 18.77 -19.84
C VAL A 336 -4.71 18.40 -19.73
N GLY A 337 -4.25 18.16 -18.51
CA GLY A 337 -2.88 17.80 -18.26
C GLY A 337 -2.44 18.30 -16.90
N ARG A 338 -1.13 18.48 -16.75
CA ARG A 338 -0.55 18.92 -15.50
C ARG A 338 0.74 19.69 -15.78
N ASN A 339 1.15 20.50 -14.82
CA ASN A 339 2.44 21.16 -14.90
C ASN A 339 3.56 20.12 -14.87
N ARG A 340 4.70 20.49 -15.46
CA ARG A 340 5.88 19.64 -15.37
C ARG A 340 6.26 19.40 -13.90
N ARG A 341 6.12 20.43 -13.07
CA ARG A 341 6.29 20.32 -11.63
C ARG A 341 5.22 21.18 -10.95
N ALA A 342 4.55 20.62 -9.95
CA ALA A 342 3.51 21.36 -9.25
C ALA A 342 4.09 22.43 -8.33
N TRP A 343 5.28 22.19 -7.78
CA TRP A 343 5.92 23.09 -6.83
C TRP A 343 7.27 23.48 -7.41
N VAL A 344 7.45 24.78 -7.64
CA VAL A 344 8.68 25.32 -8.20
C VAL A 344 9.16 26.42 -7.29
N ARG A 345 10.37 26.28 -6.76
CA ARG A 345 10.96 27.23 -5.81
C ARG A 345 10.03 27.44 -4.62
N ASN A 346 9.51 28.65 -4.43
CA ASN A 346 8.59 28.92 -3.33
C ASN A 346 7.16 29.13 -3.81
N CYS A 347 6.79 28.49 -4.92
CA CYS A 347 5.46 28.59 -5.49
C CYS A 347 4.85 27.19 -5.60
N VAL A 348 3.74 26.98 -4.91
CA VAL A 348 3.01 25.70 -4.93
C VAL A 348 1.69 25.93 -5.66
N SER A 349 1.43 25.11 -6.69
CA SER A 349 0.18 25.21 -7.41
C SER A 349 -0.82 24.21 -6.85
N VAL A 350 -2.05 24.67 -6.67
CA VAL A 350 -3.15 23.87 -6.10
C VAL A 350 -4.39 24.10 -6.95
N GLY A 351 -5.07 23.02 -7.30
CA GLY A 351 -6.29 23.12 -8.08
C GLY A 351 -6.06 23.21 -9.58
N LEU A 352 -6.89 24.00 -10.27
CA LEU A 352 -6.80 24.09 -11.71
C LEU A 352 -5.46 24.65 -12.17
N ALA A 353 -4.80 25.47 -11.33
CA ALA A 353 -3.48 25.97 -11.67
C ALA A 353 -2.43 24.87 -11.71
N SER A 354 -2.68 23.75 -11.04
CA SER A 354 -1.77 22.62 -11.01
C SER A 354 -2.07 21.61 -12.12
N CYS A 355 -3.30 21.13 -12.19
CA CYS A 355 -3.65 20.06 -13.11
C CYS A 355 -5.17 19.99 -13.21
N PHE A 356 -5.65 19.28 -14.23
CA PHE A 356 -7.08 19.17 -14.44
C PHE A 356 -7.40 18.00 -15.35
N VAL A 357 -8.46 17.28 -15.00
CA VAL A 357 -9.13 16.35 -15.90
C VAL A 357 -10.61 16.66 -15.84
N GLU A 358 -11.34 16.20 -16.85
CA GLU A 358 -12.79 16.34 -16.84
C GLU A 358 -13.38 15.66 -15.61
N PRO A 359 -14.47 16.20 -15.04
CA PRO A 359 -15.00 15.66 -13.79
C PRO A 359 -15.77 14.36 -13.97
N LEU A 360 -15.23 13.45 -14.77
CA LEU A 360 -15.90 12.19 -15.03
C LEU A 360 -15.96 11.30 -13.80
N GLU A 361 -14.99 11.45 -12.89
CA GLU A 361 -14.94 10.66 -11.66
C GLU A 361 -14.64 11.53 -10.44
N SER A 362 -15.12 12.78 -10.45
CA SER A 362 -15.07 13.67 -9.29
C SER A 362 -13.65 13.84 -8.74
N SER A 363 -12.74 14.25 -9.62
CA SER A 363 -11.34 14.41 -9.26
C SER A 363 -11.01 15.77 -8.67
N GLY A 364 -11.83 16.79 -8.95
CA GLY A 364 -11.52 18.16 -8.60
C GLY A 364 -11.20 18.43 -7.14
N ILE A 365 -12.17 18.19 -6.26
CA ILE A 365 -11.95 18.46 -4.84
C ILE A 365 -10.90 17.51 -4.28
N TYR A 366 -10.89 16.26 -4.74
CA TYR A 366 -9.89 15.30 -4.27
C TYR A 366 -8.48 15.76 -4.61
N PHE A 367 -8.27 16.24 -5.84
CA PHE A 367 -6.96 16.77 -6.22
C PHE A 367 -6.54 17.92 -5.33
N ILE A 368 -7.49 18.78 -4.96
CA ILE A 368 -7.18 19.92 -4.09
C ILE A 368 -6.75 19.43 -2.72
N TYR A 369 -7.54 18.55 -2.10
CA TYR A 369 -7.23 18.10 -0.76
C TYR A 369 -5.90 17.35 -0.71
N ALA A 370 -5.65 16.50 -1.71
CA ALA A 370 -4.39 15.75 -1.72
C ALA A 370 -3.19 16.70 -1.79
N ALA A 371 -3.32 17.79 -2.55
CA ALA A 371 -2.22 18.75 -2.64
C ALA A 371 -2.00 19.46 -1.31
N ILE A 372 -3.08 19.94 -0.68
CA ILE A 372 -2.92 20.67 0.58
C ILE A 372 -2.51 19.72 1.69
N HIS A 373 -2.94 18.46 1.63
CA HIS A 373 -2.49 17.46 2.59
C HIS A 373 -0.99 17.21 2.44
N MET A 374 -0.53 17.03 1.20
CA MET A 374 0.89 16.79 0.97
C MET A 374 1.73 18.04 1.23
N LEU A 375 1.14 19.22 1.06
CA LEU A 375 1.88 20.45 1.36
C LEU A 375 2.15 20.58 2.85
N ALA A 376 1.17 20.26 3.70
CA ALA A 376 1.38 20.31 5.14
C ALA A 376 2.40 19.27 5.58
N LYS A 377 2.41 18.10 4.93
CA LYS A 377 3.37 17.06 5.27
C LYS A 377 4.78 17.45 4.83
N HIS A 378 4.91 18.10 3.67
CA HIS A 378 6.21 18.53 3.14
C HIS A 378 6.46 20.02 3.36
N PHE A 379 5.84 20.61 4.38
CA PHE A 379 5.94 22.04 4.56
C PHE A 379 7.39 22.43 4.85
N PRO A 380 7.94 23.44 4.18
CA PRO A 380 9.37 23.74 4.30
C PRO A 380 9.67 24.84 5.30
N ASP A 381 10.95 25.17 5.45
CA ASP A 381 11.39 26.44 6.01
C ASP A 381 11.93 27.30 4.87
N LYS A 382 12.58 28.41 5.22
CA LYS A 382 13.01 29.35 4.19
C LYS A 382 14.18 28.83 3.36
N THR A 383 14.77 27.69 3.69
CA THR A 383 15.80 27.10 2.87
C THR A 383 15.24 26.29 1.71
N PHE A 384 13.98 25.86 1.80
CA PHE A 384 13.30 25.10 0.75
C PHE A 384 14.16 23.94 0.27
N ASP A 385 14.26 22.93 1.14
CA ASP A 385 14.98 21.70 0.84
C ASP A 385 14.47 21.12 -0.48
N LYS A 386 15.41 20.88 -1.41
CA LYS A 386 15.05 20.35 -2.72
C LYS A 386 14.37 19.00 -2.62
N VAL A 387 14.71 18.21 -1.60
CA VAL A 387 14.11 16.89 -1.44
C VAL A 387 12.64 17.00 -1.06
N LEU A 388 12.30 17.96 -0.20
CA LEU A 388 10.89 18.18 0.15
C LEU A 388 10.07 18.50 -1.09
N VAL A 389 10.57 19.42 -1.93
CA VAL A 389 9.83 19.81 -3.14
C VAL A 389 9.73 18.62 -4.10
N ASP A 390 10.81 17.85 -4.24
CA ASP A 390 10.79 16.73 -5.18
C ASP A 390 9.80 15.66 -4.74
N ARG A 391 9.76 15.35 -3.44
CA ARG A 391 8.84 14.33 -2.97
C ARG A 391 7.40 14.78 -3.14
N PHE A 392 7.11 16.05 -2.90
CA PHE A 392 5.78 16.59 -3.15
C PHE A 392 5.39 16.45 -4.61
N ASN A 393 6.25 16.93 -5.51
CA ASN A 393 5.97 16.86 -6.94
C ASN A 393 5.77 15.41 -7.39
N ARG A 394 6.55 14.50 -6.82
CA ARG A 394 6.44 13.09 -7.17
C ARG A 394 5.05 12.55 -6.82
N GLU A 395 4.52 12.93 -5.67
CA GLU A 395 3.19 12.45 -5.27
C GLU A 395 2.10 13.04 -6.15
N ILE A 396 2.25 14.29 -6.57
CA ILE A 396 1.23 14.94 -7.38
C ILE A 396 1.18 14.32 -8.78
N GLU A 397 2.35 14.11 -9.40
CA GLU A 397 2.35 13.61 -10.77
C GLU A 397 1.90 12.15 -10.84
N GLU A 398 2.21 11.36 -9.81
CA GLU A 398 1.72 9.98 -9.79
C GLU A 398 0.21 9.95 -9.55
N MET A 399 -0.28 10.79 -8.64
CA MET A 399 -1.71 10.89 -8.42
C MET A 399 -2.44 11.26 -9.71
N PHE A 400 -1.93 12.25 -10.43
CA PHE A 400 -2.61 12.71 -11.63
C PHE A 400 -2.54 11.67 -12.74
N ASP A 401 -1.33 11.19 -13.07
CA ASP A 401 -1.19 10.25 -14.17
C ASP A 401 -2.01 8.99 -13.95
N ASP A 402 -2.14 8.57 -12.70
CA ASP A 402 -2.93 7.39 -12.38
C ASP A 402 -4.41 7.62 -12.68
N THR A 403 -4.94 8.78 -12.28
CA THR A 403 -6.33 9.11 -12.57
C THR A 403 -6.53 9.37 -14.06
N ARG A 404 -5.55 9.99 -14.72
CA ARG A 404 -5.63 10.22 -16.16
C ARG A 404 -5.81 8.92 -16.93
N ASP A 405 -4.98 7.92 -16.63
CA ASP A 405 -5.10 6.62 -17.29
C ASP A 405 -6.46 5.98 -17.00
N PHE A 406 -6.93 6.10 -15.77
CA PHE A 406 -8.22 5.50 -15.40
C PHE A 406 -9.35 6.12 -16.20
N LEU A 407 -9.31 7.44 -16.41
CA LEU A 407 -10.35 8.11 -17.18
C LEU A 407 -10.30 7.72 -18.65
N GLN A 408 -9.10 7.59 -19.22
CA GLN A 408 -8.99 7.20 -20.63
C GLN A 408 -9.61 5.83 -20.87
N ALA A 409 -9.50 4.92 -19.90
CA ALA A 409 -10.09 3.60 -20.04
C ALA A 409 -11.60 3.66 -20.25
N HIS A 410 -12.26 4.70 -19.71
CA HIS A 410 -13.68 4.89 -19.95
C HIS A 410 -13.97 5.05 -21.44
N TYR A 411 -13.13 5.82 -22.14
CA TYR A 411 -13.34 6.07 -23.57
C TYR A 411 -12.75 4.96 -24.41
N TYR A 412 -11.60 4.43 -24.01
CA TYR A 412 -10.89 3.44 -24.81
C TYR A 412 -11.66 2.12 -24.88
N PHE A 413 -12.34 1.74 -23.81
CA PHE A 413 -13.07 0.47 -23.78
C PHE A 413 -14.57 0.65 -23.94
N SER A 414 -15.04 1.87 -24.18
CA SER A 414 -16.42 2.06 -24.58
C SER A 414 -16.63 1.41 -25.94
N PRO A 415 -17.66 0.57 -26.10
CA PRO A 415 -17.91 -0.05 -27.42
C PRO A 415 -18.49 0.90 -28.45
N ARG A 416 -18.67 2.18 -28.13
CA ARG A 416 -19.23 3.13 -29.09
C ARG A 416 -18.18 3.57 -30.10
N VAL A 417 -18.57 3.57 -31.39
CA VAL A 417 -17.71 4.03 -32.48
C VAL A 417 -18.57 4.73 -33.53
N ASP A 418 -19.73 5.25 -33.11
CA ASP A 418 -20.74 5.69 -34.06
C ASP A 418 -20.51 7.09 -34.60
N THR A 419 -19.95 7.99 -33.81
CA THR A 419 -19.71 9.36 -34.24
C THR A 419 -18.21 9.62 -34.34
N PRO A 420 -17.81 10.67 -35.07
CA PRO A 420 -16.36 10.96 -35.17
C PRO A 420 -15.67 11.11 -33.82
N PHE A 421 -16.37 11.63 -32.81
CA PHE A 421 -15.78 11.74 -31.48
C PHE A 421 -15.48 10.37 -30.90
N TRP A 422 -16.48 9.48 -30.88
CA TRP A 422 -16.28 8.15 -30.31
C TRP A 422 -15.29 7.32 -31.13
N ARG A 423 -15.27 7.50 -32.45
CA ARG A 423 -14.27 6.80 -33.25
C ARG A 423 -12.87 7.34 -32.98
N ALA A 424 -12.76 8.65 -32.73
CA ALA A 424 -11.44 9.24 -32.51
C ALA A 424 -10.80 8.76 -31.22
N ASN A 425 -11.60 8.36 -30.23
CA ASN A 425 -11.03 7.85 -28.99
C ASN A 425 -10.33 6.52 -29.20
N LYS A 426 -10.76 5.74 -30.19
CA LYS A 426 -10.13 4.45 -30.48
C LYS A 426 -8.79 4.59 -31.19
N GLU A 427 -8.42 5.80 -31.61
CA GLU A 427 -7.13 6.04 -32.22
C GLU A 427 -6.04 6.35 -31.19
N LEU A 428 -6.43 6.68 -29.97
CA LEU A 428 -5.47 6.98 -28.91
C LEU A 428 -4.85 5.70 -28.35
N LYS A 429 -3.68 5.86 -27.75
CA LYS A 429 -2.94 4.76 -27.15
C LYS A 429 -2.99 4.85 -25.63
N LEU A 430 -3.11 3.68 -24.99
CA LEU A 430 -3.08 3.62 -23.53
C LEU A 430 -1.65 3.74 -23.01
N ALA A 431 -1.51 4.38 -21.86
CA ALA A 431 -0.22 4.44 -21.19
C ALA A 431 0.22 3.04 -20.74
N ASP A 432 1.54 2.88 -20.58
CA ASP A 432 2.08 1.56 -20.23
C ASP A 432 1.55 1.06 -18.90
N SER A 433 1.30 1.95 -17.94
CA SER A 433 0.86 1.51 -16.62
C SER A 433 -0.55 0.92 -16.68
N ILE A 434 -1.45 1.55 -17.45
CA ILE A 434 -2.81 1.03 -17.54
C ILE A 434 -2.87 -0.19 -18.47
N LYS A 435 -1.98 -0.26 -19.47
CA LYS A 435 -1.86 -1.49 -20.26
C LYS A 435 -1.51 -2.68 -19.38
N ASP A 436 -0.59 -2.47 -18.43
CA ASP A 436 -0.20 -3.56 -17.52
C ASP A 436 -1.39 -4.01 -16.69
N LYS A 437 -2.17 -3.06 -16.15
CA LYS A 437 -3.33 -3.42 -15.35
C LYS A 437 -4.36 -4.19 -16.15
N VAL A 438 -4.59 -3.78 -17.41
CA VAL A 438 -5.53 -4.50 -18.27
C VAL A 438 -5.06 -5.93 -18.48
N GLU A 439 -3.77 -6.10 -18.79
CA GLU A 439 -3.21 -7.44 -18.93
C GLU A 439 -3.44 -8.29 -17.69
N THR A 440 -3.23 -7.69 -16.51
CA THR A 440 -3.44 -8.42 -15.26
C THR A 440 -4.92 -8.75 -15.07
N TYR A 441 -5.79 -7.78 -15.33
CA TYR A 441 -7.23 -8.01 -15.20
C TYR A 441 -7.71 -9.11 -16.14
N ARG A 442 -7.22 -9.10 -17.38
CA ARG A 442 -7.68 -10.07 -18.37
C ARG A 442 -7.27 -11.50 -18.05
N ALA A 443 -6.23 -11.69 -17.25
CA ALA A 443 -5.85 -13.01 -16.79
C ALA A 443 -6.69 -13.49 -15.60
N GLY A 444 -7.60 -12.65 -15.10
CA GLY A 444 -8.40 -12.99 -13.96
C GLY A 444 -7.83 -12.59 -12.62
N LEU A 445 -6.66 -11.95 -12.60
CA LEU A 445 -6.03 -11.54 -11.35
C LEU A 445 -6.60 -10.23 -10.85
N PRO A 446 -6.55 -9.98 -9.55
CA PRO A 446 -7.00 -8.69 -9.03
C PRO A 446 -6.03 -7.56 -9.40
N VAL A 447 -6.59 -6.37 -9.55
CA VAL A 447 -5.82 -5.16 -9.86
C VAL A 447 -5.98 -4.21 -8.68
N ASN A 448 -4.88 -3.87 -8.04
CA ASN A 448 -4.89 -2.96 -6.88
C ASN A 448 -5.79 -3.52 -5.78
N LEU A 449 -5.45 -4.72 -5.33
CA LEU A 449 -6.22 -5.41 -4.31
C LEU A 449 -6.25 -4.59 -3.01
N PRO A 450 -7.43 -4.36 -2.42
CA PRO A 450 -7.46 -3.67 -1.13
C PRO A 450 -6.87 -4.54 -0.03
N VAL A 451 -6.07 -3.91 0.83
CA VAL A 451 -5.41 -4.62 1.92
C VAL A 451 -5.90 -4.16 3.29
N THR A 452 -6.88 -3.27 3.35
CA THR A 452 -7.39 -2.76 4.61
C THR A 452 -8.91 -2.89 4.63
N ASP A 453 -9.48 -2.81 5.83
CA ASP A 453 -10.91 -2.68 5.97
C ASP A 453 -11.35 -1.25 5.62
N GLU A 454 -12.67 -1.07 5.49
CA GLU A 454 -13.19 0.25 5.13
C GLU A 454 -12.93 1.28 6.23
N GLY A 455 -12.87 0.84 7.49
CA GLY A 455 -12.61 1.78 8.58
C GLY A 455 -11.26 2.46 8.45
N THR A 456 -10.20 1.66 8.23
CA THR A 456 -8.88 2.24 8.00
C THR A 456 -8.84 3.00 6.68
N TYR A 457 -9.51 2.48 5.65
CA TYR A 457 -9.42 3.07 4.33
C TYR A 457 -9.97 4.50 4.32
N TYR A 458 -11.15 4.71 4.89
CA TYR A 458 -11.76 6.02 4.92
C TYR A 458 -11.41 6.82 6.16
N GLY A 459 -10.75 6.21 7.14
CA GLY A 459 -10.39 6.91 8.36
C GLY A 459 -8.98 7.49 8.35
N ASN A 460 -8.10 6.89 7.54
CA ASN A 460 -6.73 7.35 7.39
C ASN A 460 -6.50 7.68 5.92
N PHE A 461 -6.25 8.96 5.63
CA PHE A 461 -6.15 9.38 4.24
C PHE A 461 -4.97 8.73 3.52
N GLU A 462 -3.86 8.52 4.24
CA GLU A 462 -2.68 7.93 3.63
C GLU A 462 -2.97 6.52 3.12
N ALA A 463 -3.89 5.79 3.78
CA ALA A 463 -4.24 4.45 3.31
C ALA A 463 -4.98 4.51 1.97
N GLU A 464 -5.91 5.45 1.83
CA GLU A 464 -6.65 5.57 0.57
C GLU A 464 -5.76 6.14 -0.53
N PHE A 465 -4.84 7.04 -0.18
CA PHE A 465 -4.00 7.67 -1.19
C PHE A 465 -3.05 6.68 -1.85
N ARG A 466 -2.61 5.66 -1.13
CA ARG A 466 -1.74 4.63 -1.69
C ARG A 466 -2.51 3.59 -2.49
N ASN A 467 -3.84 3.67 -2.53
CA ASN A 467 -4.65 2.70 -3.23
C ASN A 467 -6.00 3.31 -3.55
N PHE A 468 -6.00 4.35 -4.40
CA PHE A 468 -7.21 5.12 -4.62
C PHE A 468 -8.21 4.38 -5.51
N TRP A 469 -7.76 3.88 -6.65
CA TRP A 469 -8.59 3.07 -7.54
C TRP A 469 -8.30 1.61 -7.23
N THR A 470 -9.17 0.98 -6.45
CA THR A 470 -8.96 -0.38 -6.02
C THR A 470 -9.55 -1.36 -7.04
N ASN A 471 -9.47 -2.65 -6.70
CA ASN A 471 -9.96 -3.70 -7.58
C ASN A 471 -11.44 -3.51 -7.91
N GLY A 472 -12.23 -3.07 -6.93
CA GLY A 472 -13.65 -2.85 -7.17
C GLY A 472 -13.90 -1.79 -8.23
N SER A 473 -13.08 -0.73 -8.25
CA SER A 473 -13.30 0.35 -9.21
C SER A 473 -12.98 -0.10 -10.63
N TYR A 474 -11.89 -0.84 -10.82
CA TYR A 474 -11.55 -1.31 -12.15
C TYR A 474 -12.59 -2.29 -12.68
N TYR A 475 -13.19 -3.10 -11.80
CA TYR A 475 -14.25 -3.99 -12.26
C TYR A 475 -15.51 -3.22 -12.62
N CYS A 476 -15.83 -2.16 -11.87
CA CYS A 476 -16.98 -1.32 -12.19
C CYS A 476 -16.89 -0.79 -13.61
N ILE A 477 -15.72 -0.32 -14.02
CA ILE A 477 -15.58 0.32 -15.32
C ILE A 477 -15.37 -0.71 -16.42
N PHE A 478 -14.41 -1.63 -16.23
CA PHE A 478 -14.14 -2.63 -17.26
C PHE A 478 -15.36 -3.51 -17.51
N ALA A 479 -15.87 -4.18 -16.46
CA ALA A 479 -17.02 -5.05 -16.66
C ALA A 479 -18.27 -4.25 -17.00
N GLY A 480 -18.40 -3.03 -16.47
CA GLY A 480 -19.53 -2.20 -16.84
C GLY A 480 -19.58 -1.89 -18.32
N LEU A 481 -18.41 -1.67 -18.92
CA LEU A 481 -18.31 -1.39 -20.35
C LEU A 481 -18.27 -2.65 -21.19
N GLY A 482 -18.20 -3.83 -20.58
CA GLY A 482 -18.18 -5.08 -21.30
C GLY A 482 -16.83 -5.75 -21.43
N LEU A 483 -15.78 -5.21 -20.82
CA LEU A 483 -14.47 -5.83 -20.86
C LEU A 483 -14.39 -6.85 -19.72
N MET A 484 -14.30 -8.12 -20.06
CA MET A 484 -14.25 -9.20 -19.10
C MET A 484 -12.89 -9.88 -19.10
N PRO A 485 -12.56 -10.61 -18.03
CA PRO A 485 -11.36 -11.47 -18.07
C PRO A 485 -11.49 -12.53 -19.14
N ARG A 486 -10.34 -12.98 -19.66
N ARG A 486 -10.34 -12.99 -19.65
CA ARG A 486 -10.32 -14.06 -20.64
CA ARG A 486 -10.36 -14.05 -20.65
C ARG A 486 -10.88 -15.35 -20.05
C ARG A 486 -10.78 -15.39 -20.06
N ASN A 487 -10.72 -15.53 -18.75
CA ASN A 487 -11.14 -16.75 -18.06
C ASN A 487 -11.21 -16.44 -16.57
N PRO A 488 -11.91 -17.27 -15.79
CA PRO A 488 -11.94 -17.07 -14.34
C PRO A 488 -10.54 -17.22 -13.73
N LEU A 489 -10.39 -16.69 -12.53
CA LEU A 489 -9.19 -16.92 -11.75
C LEU A 489 -8.96 -18.42 -11.61
N PRO A 490 -7.86 -18.96 -12.16
CA PRO A 490 -7.71 -20.42 -12.19
C PRO A 490 -7.73 -21.08 -10.83
N ALA A 491 -7.32 -20.38 -9.77
CA ALA A 491 -7.31 -20.97 -8.43
C ALA A 491 -8.72 -21.34 -7.96
N LEU A 492 -9.75 -20.69 -8.50
CA LEU A 492 -11.12 -20.99 -8.07
C LEU A 492 -11.52 -22.41 -8.44
N ALA A 493 -10.92 -22.98 -9.49
CA ALA A 493 -11.24 -24.34 -9.90
C ALA A 493 -10.79 -25.37 -8.87
N TYR A 494 -9.95 -24.99 -7.92
CA TYR A 494 -9.46 -25.89 -6.89
C TYR A 494 -10.05 -25.62 -5.52
N LYS A 495 -11.00 -24.69 -5.42
CA LYS A 495 -11.50 -24.20 -4.13
C LYS A 495 -13.02 -24.23 -4.11
N PRO A 496 -13.63 -25.41 -4.09
CA PRO A 496 -15.09 -25.47 -4.03
C PRO A 496 -15.67 -24.93 -2.73
N GLN A 497 -14.96 -25.08 -1.61
CA GLN A 497 -15.45 -24.50 -0.36
C GLN A 497 -15.43 -22.97 -0.40
N SER A 498 -14.44 -22.39 -1.08
CA SER A 498 -14.37 -20.93 -1.17
C SER A 498 -15.49 -20.40 -2.06
N ILE A 499 -15.84 -21.14 -3.11
CA ILE A 499 -16.96 -20.73 -3.96
C ILE A 499 -18.25 -20.71 -3.15
N ALA A 500 -18.45 -21.71 -2.29
CA ALA A 500 -19.62 -21.73 -1.43
C ALA A 500 -19.61 -20.58 -0.43
N GLU A 501 -18.43 -20.25 0.12
CA GLU A 501 -18.34 -19.14 1.05
C GLU A 501 -18.76 -17.83 0.40
N ALA A 502 -18.38 -17.61 -0.86
CA ALA A 502 -18.76 -16.39 -1.54
C ALA A 502 -20.25 -16.37 -1.88
N GLU A 503 -20.86 -17.54 -2.02
CA GLU A 503 -22.30 -17.60 -2.25
C GLU A 503 -23.06 -17.00 -1.08
N LEU A 504 -22.56 -17.18 0.15
CA LEU A 504 -23.14 -16.51 1.29
C LEU A 504 -22.95 -14.99 1.22
N LEU A 505 -21.80 -14.55 0.73
CA LEU A 505 -21.56 -13.12 0.56
C LEU A 505 -22.55 -12.51 -0.43
N PHE A 506 -22.79 -13.19 -1.55
CA PHE A 506 -23.78 -12.72 -2.51
C PHE A 506 -25.17 -12.66 -1.86
N ALA A 507 -25.49 -13.63 -1.02
CA ALA A 507 -26.79 -13.64 -0.35
C ALA A 507 -26.93 -12.47 0.63
N ASP A 508 -25.83 -12.07 1.27
CA ASP A 508 -25.89 -10.94 2.20
C ASP A 508 -26.12 -9.63 1.45
N VAL A 509 -25.53 -9.49 0.26
CA VAL A 509 -25.76 -8.28 -0.54
C VAL A 509 -27.22 -8.18 -0.94
N LYS A 510 -27.84 -9.30 -1.33
CA LYS A 510 -29.26 -9.30 -1.64
C LYS A 510 -30.10 -8.99 -0.41
N ARG A 511 -29.74 -9.57 0.74
CA ARG A 511 -30.53 -9.39 1.96
C ARG A 511 -30.50 -7.93 2.42
N LYS A 512 -29.31 -7.32 2.42
CA LYS A 512 -29.17 -5.94 2.84
C LYS A 512 -29.95 -5.00 1.92
N GLY A 513 -29.81 -5.19 0.60
CA GLY A 513 -30.50 -4.33 -0.34
C GLY A 513 -32.01 -4.40 -0.18
N ASP A 514 -32.55 -5.61 -0.08
CA ASP A 514 -33.99 -5.77 0.03
C ASP A 514 -34.53 -5.19 1.34
N THR A 515 -33.83 -5.42 2.44
CA THR A 515 -34.28 -4.88 3.73
C THR A 515 -34.23 -3.36 3.74
N LEU A 516 -33.16 -2.78 3.19
CA LEU A 516 -33.01 -1.33 3.24
C LEU A 516 -33.93 -0.61 2.26
N VAL A 517 -34.21 -1.21 1.10
CA VAL A 517 -35.16 -0.60 0.17
C VAL A 517 -36.52 -0.44 0.83
N GLU A 518 -36.87 -1.30 1.77
CA GLU A 518 -38.14 -1.18 2.47
C GLU A 518 -38.11 -0.12 3.57
N SER A 519 -37.06 -0.12 4.38
CA SER A 519 -37.06 0.69 5.61
C SER A 519 -36.43 2.06 5.45
N LEU A 520 -35.52 2.24 4.49
CA LEU A 520 -34.87 3.53 4.33
C LEU A 520 -35.87 4.57 3.84
N PRO A 521 -35.69 5.83 4.24
CA PRO A 521 -36.49 6.91 3.65
C PRO A 521 -35.96 7.27 2.28
N SER A 522 -36.81 7.95 1.52
CA SER A 522 -36.37 8.46 0.23
C SER A 522 -35.32 9.54 0.43
N THR A 523 -34.47 9.73 -0.59
CA THR A 523 -33.49 10.81 -0.55
C THR A 523 -34.19 12.16 -0.42
N TYR A 524 -35.34 12.31 -1.08
CA TYR A 524 -36.11 13.55 -0.98
C TYR A 524 -36.57 13.81 0.44
N ASP A 525 -36.95 12.75 1.16
CA ASP A 525 -37.46 12.94 2.53
C ASP A 525 -36.33 13.27 3.50
N LEU A 526 -35.16 12.66 3.32
CA LEU A 526 -34.03 12.99 4.19
C LEU A 526 -33.55 14.42 3.94
N LEU A 527 -33.55 14.85 2.68
CA LEU A 527 -33.15 16.22 2.37
C LEU A 527 -34.14 17.23 2.94
N ARG A 528 -35.44 16.93 2.86
CA ARG A 528 -36.45 17.82 3.44
C ARG A 528 -36.23 17.97 4.94
N GLN A 529 -35.90 16.89 5.62
CA GLN A 529 -35.61 16.96 7.05
C GLN A 529 -34.31 17.70 7.32
N LEU A 530 -33.28 17.46 6.51
CA LEU A 530 -31.99 18.08 6.73
C LEU A 530 -32.05 19.60 6.53
N HIS A 531 -32.63 20.04 5.41
CA HIS A 531 -32.69 21.46 5.07
C HIS A 531 -33.94 22.14 5.61
N GLY A 532 -34.69 21.50 6.50
CA GLY A 532 -35.89 22.10 7.04
C GLY A 532 -35.61 23.18 8.06
N ASP B 5 -11.84 -31.02 -18.07
CA ASP B 5 -11.08 -30.82 -16.84
C ASP B 5 -9.61 -30.57 -17.15
N ASN B 6 -9.22 -29.31 -17.25
N ASN B 6 -9.24 -29.30 -17.20
CA ASN B 6 -7.83 -28.95 -17.53
CA ASN B 6 -7.88 -28.86 -17.51
C ASN B 6 -7.08 -28.51 -16.27
C ASN B 6 -7.07 -28.53 -16.27
N ARG B 7 -7.48 -29.02 -15.11
CA ARG B 7 -6.83 -28.67 -13.86
C ARG B 7 -5.56 -29.49 -13.65
N ILE B 8 -4.63 -28.91 -12.88
CA ILE B 8 -3.53 -29.69 -12.32
C ILE B 8 -4.11 -30.79 -11.46
N LYS B 9 -3.65 -32.03 -11.67
CA LYS B 9 -4.11 -33.16 -10.88
C LYS B 9 -3.09 -33.62 -9.86
N THR B 10 -1.79 -33.42 -10.12
CA THR B 10 -0.73 -33.88 -9.23
C THR B 10 0.34 -32.81 -9.13
N VAL B 11 0.74 -32.50 -7.89
CA VAL B 11 1.86 -31.61 -7.63
C VAL B 11 2.96 -32.44 -6.99
N VAL B 12 4.16 -32.39 -7.58
CA VAL B 12 5.33 -33.12 -7.07
C VAL B 12 6.29 -32.11 -6.49
N ILE B 13 6.65 -32.30 -5.22
CA ILE B 13 7.56 -31.41 -4.51
C ILE B 13 8.87 -32.17 -4.31
N LEU B 14 9.94 -31.63 -4.89
CA LEU B 14 11.26 -32.26 -4.79
C LEU B 14 12.00 -31.69 -3.59
N GLY B 15 12.28 -32.55 -2.61
CA GLY B 15 13.03 -32.13 -1.44
C GLY B 15 12.14 -31.89 -0.22
N GLY B 16 12.63 -32.26 0.95
CA GLY B 16 11.89 -32.06 2.18
C GLY B 16 12.31 -30.78 2.90
N GLY B 17 12.74 -30.92 4.15
CA GLY B 17 13.10 -29.74 4.91
C GLY B 17 11.89 -28.84 5.15
N THR B 18 12.19 -27.63 5.63
CA THR B 18 11.13 -26.67 5.92
C THR B 18 10.43 -26.23 4.63
N ALA B 19 11.20 -25.96 3.58
CA ALA B 19 10.60 -25.47 2.34
C ALA B 19 9.64 -26.50 1.74
N GLY B 20 10.09 -27.75 1.66
CA GLY B 20 9.26 -28.77 1.02
C GLY B 20 7.98 -29.07 1.79
N TRP B 21 8.08 -29.16 3.12
CA TRP B 21 6.93 -29.53 3.92
C TRP B 21 6.03 -28.36 4.30
N MET B 22 6.55 -27.12 4.28
CA MET B 22 5.66 -25.98 4.35
C MET B 22 4.84 -25.86 3.08
N THR B 23 5.46 -26.13 1.93
CA THR B 23 4.73 -26.11 0.66
C THR B 23 3.67 -27.20 0.63
N ALA B 24 4.04 -28.42 1.03
CA ALA B 24 3.10 -29.53 1.01
C ALA B 24 1.93 -29.29 1.95
N ALA B 25 2.21 -28.83 3.17
CA ALA B 25 1.15 -28.59 4.14
C ALA B 25 0.24 -27.45 3.69
N TYR B 26 0.83 -26.36 3.19
CA TYR B 26 0.01 -25.21 2.79
C TYR B 26 -0.85 -25.54 1.58
N LEU B 27 -0.26 -26.13 0.55
CA LEU B 27 -1.03 -26.47 -0.65
C LEU B 27 -2.08 -27.54 -0.36
N GLY B 28 -1.81 -28.43 0.60
CA GLY B 28 -2.83 -29.39 1.01
C GLY B 28 -4.10 -28.71 1.49
N LYS B 29 -3.96 -27.57 2.18
CA LYS B 29 -5.11 -26.82 2.65
C LYS B 29 -5.68 -25.92 1.57
N ALA B 30 -4.81 -25.24 0.83
CA ALA B 30 -5.26 -24.25 -0.15
C ALA B 30 -5.99 -24.90 -1.32
N LEU B 31 -5.58 -26.09 -1.74
CA LEU B 31 -6.19 -26.76 -2.87
C LEU B 31 -7.32 -27.69 -2.46
N GLN B 32 -7.61 -27.78 -1.16
CA GLN B 32 -8.82 -28.41 -0.65
C GLN B 32 -8.97 -29.85 -1.13
N ASN B 33 -7.85 -30.56 -1.18
CA ASN B 33 -7.81 -31.99 -1.54
C ASN B 33 -8.38 -32.24 -2.94
N THR B 34 -8.26 -31.27 -3.84
CA THR B 34 -8.58 -31.48 -5.24
C THR B 34 -7.36 -31.88 -6.05
N VAL B 35 -6.18 -31.90 -5.42
CA VAL B 35 -4.92 -32.17 -6.09
C VAL B 35 -4.13 -33.15 -5.25
N LYS B 36 -3.56 -34.18 -5.88
CA LYS B 36 -2.65 -35.08 -5.21
C LYS B 36 -1.30 -34.40 -5.03
N ILE B 37 -0.73 -34.49 -3.84
CA ILE B 37 0.53 -33.84 -3.50
C ILE B 37 1.53 -34.90 -3.08
N VAL B 38 2.69 -34.91 -3.73
CA VAL B 38 3.74 -35.88 -3.47
C VAL B 38 5.01 -35.14 -3.10
N VAL B 39 5.70 -35.61 -2.07
CA VAL B 39 6.99 -35.06 -1.66
C VAL B 39 8.04 -36.15 -1.86
N LEU B 40 9.05 -35.85 -2.68
CA LEU B 40 10.17 -36.74 -2.89
C LEU B 40 11.35 -36.20 -2.09
N GLU B 41 11.67 -36.88 -0.99
CA GLU B 41 12.66 -36.40 -0.03
C GLU B 41 13.71 -37.48 0.18
N ALA B 42 14.95 -37.19 -0.20
CA ALA B 42 16.04 -38.12 0.06
C ALA B 42 16.32 -38.18 1.55
N PRO B 43 16.37 -39.39 2.15
CA PRO B 43 16.71 -39.49 3.58
C PRO B 43 18.16 -39.09 3.81
N THR B 44 18.36 -38.25 4.83
CA THR B 44 19.68 -37.71 5.14
C THR B 44 19.96 -37.87 6.63
N ILE B 45 21.25 -37.80 6.98
CA ILE B 45 21.69 -37.92 8.36
C ILE B 45 21.34 -36.65 9.11
N PRO B 46 20.60 -36.75 10.23
CA PRO B 46 20.15 -35.54 10.94
C PRO B 46 21.33 -34.81 11.57
N ARG B 47 21.49 -33.53 11.20
CA ARG B 47 22.52 -32.69 11.77
C ARG B 47 22.02 -31.97 13.01
N ILE B 48 22.97 -31.43 13.78
CA ILE B 48 22.63 -30.69 14.99
C ILE B 48 21.88 -29.41 14.61
N GLY B 49 20.92 -29.03 15.46
CA GLY B 49 20.07 -27.88 15.18
C GLY B 49 20.70 -26.56 15.56
N VAL B 50 21.06 -25.76 14.56
CA VAL B 50 21.77 -24.50 14.79
C VAL B 50 20.82 -23.33 14.99
N GLY B 51 19.51 -23.53 14.87
CA GLY B 51 18.56 -22.49 15.18
C GLY B 51 18.08 -21.68 14.00
N GLU B 52 16.79 -21.32 14.01
CA GLU B 52 16.20 -20.47 12.99
C GLU B 52 15.31 -19.44 13.67
N ALA B 53 15.30 -18.22 13.13
CA ALA B 53 14.43 -17.16 13.63
C ALA B 53 13.35 -16.84 12.59
N THR B 54 12.28 -16.20 13.06
CA THR B 54 11.11 -15.95 12.24
C THR B 54 10.60 -14.54 12.47
N VAL B 55 9.47 -14.24 11.84
CA VAL B 55 8.80 -12.94 11.97
C VAL B 55 7.38 -13.21 12.48
N PRO B 56 6.74 -12.20 13.09
CA PRO B 56 5.47 -12.46 13.78
C PRO B 56 4.35 -13.04 12.91
N ASN B 57 4.36 -12.82 11.60
CA ASN B 57 3.23 -13.28 10.78
C ASN B 57 3.16 -14.78 10.63
N LEU B 58 4.17 -15.53 11.08
CA LEU B 58 4.22 -16.97 10.80
C LEU B 58 3.04 -17.70 11.44
N GLN B 59 2.66 -17.32 12.66
CA GLN B 59 1.55 -18.00 13.32
C GLN B 59 0.23 -17.67 12.65
N ARG B 60 -0.03 -16.38 12.42
CA ARG B 60 -1.32 -15.97 11.86
C ARG B 60 -1.47 -16.42 10.41
N ALA B 61 -0.42 -16.26 9.60
CA ALA B 61 -0.53 -16.50 8.17
C ALA B 61 -0.36 -17.97 7.81
N PHE B 62 0.40 -18.74 8.59
CA PHE B 62 0.73 -20.11 8.24
C PHE B 62 0.10 -21.13 9.18
N PHE B 63 0.46 -21.12 10.46
CA PHE B 63 0.00 -22.16 11.37
C PHE B 63 -1.50 -22.05 11.63
N ASP B 64 -2.01 -20.82 11.82
CA ASP B 64 -3.44 -20.65 12.00
C ASP B 64 -4.21 -21.05 10.74
N TYR B 65 -3.63 -20.80 9.57
CA TYR B 65 -4.24 -21.23 8.31
C TYR B 65 -4.37 -22.74 8.26
N LEU B 66 -3.41 -23.47 8.85
CA LEU B 66 -3.46 -24.92 8.94
C LEU B 66 -4.22 -25.41 10.16
N GLY B 67 -4.70 -24.52 11.01
CA GLY B 67 -5.42 -24.92 12.20
C GLY B 67 -4.55 -25.52 13.27
N ILE B 68 -3.28 -25.16 13.31
CA ILE B 68 -2.32 -25.68 14.29
C ILE B 68 -2.16 -24.64 15.39
N PRO B 69 -2.53 -24.95 16.63
CA PRO B 69 -2.37 -23.97 17.71
C PRO B 69 -0.90 -23.66 17.95
N GLU B 70 -0.64 -22.45 18.44
CA GLU B 70 0.73 -21.99 18.63
C GLU B 70 1.48 -22.88 19.62
N GLU B 71 0.84 -23.20 20.75
CA GLU B 71 1.50 -24.00 21.77
C GLU B 71 1.79 -25.42 21.31
N GLU B 72 0.96 -25.95 20.39
CA GLU B 72 1.13 -27.33 19.96
C GLU B 72 2.46 -27.53 19.23
N TRP B 73 2.73 -26.68 18.23
CA TRP B 73 3.95 -26.85 17.45
C TRP B 73 5.19 -26.35 18.18
N MET B 74 5.02 -25.39 19.09
CA MET B 74 6.18 -24.90 19.85
C MET B 74 6.77 -25.99 20.72
N ARG B 75 5.92 -26.83 21.31
CA ARG B 75 6.42 -27.88 22.21
C ARG B 75 7.11 -29.00 21.45
N GLU B 76 6.80 -29.19 20.18
CA GLU B 76 7.41 -30.26 19.39
C GLU B 76 8.69 -29.82 18.69
N CYS B 77 9.12 -28.58 18.88
N CYS B 77 9.13 -28.58 18.87
CA CYS B 77 10.30 -28.08 18.18
CA CYS B 77 10.34 -28.12 18.19
C CYS B 77 11.25 -27.30 19.09
C CYS B 77 11.26 -27.30 19.09
N ASN B 78 11.05 -27.35 20.41
CA ASN B 78 11.88 -26.62 21.37
C ASN B 78 11.91 -25.13 21.05
N ALA B 79 10.73 -24.55 20.86
CA ALA B 79 10.63 -23.18 20.41
C ALA B 79 10.77 -22.20 21.56
N SER B 80 11.32 -21.03 21.25
CA SER B 80 11.46 -19.93 22.19
C SER B 80 10.86 -18.66 21.58
N TYR B 81 10.97 -17.55 22.30
CA TYR B 81 10.34 -16.30 21.93
C TYR B 81 11.37 -15.29 21.45
N LYS B 82 10.98 -14.49 20.44
CA LYS B 82 11.85 -13.48 19.84
C LYS B 82 11.10 -12.17 19.72
N MET B 83 11.63 -11.12 20.35
CA MET B 83 11.03 -9.80 20.28
C MET B 83 11.79 -8.83 19.38
N ALA B 84 13.00 -9.18 18.95
CA ALA B 84 13.84 -8.32 18.12
C ALA B 84 15.09 -9.08 17.74
N VAL B 85 15.86 -8.48 16.84
CA VAL B 85 17.27 -8.82 16.67
C VAL B 85 18.09 -7.70 17.29
N LYS B 86 19.13 -8.09 18.03
CA LYS B 86 19.95 -7.14 18.78
C LYS B 86 21.35 -7.11 18.17
N PHE B 87 21.75 -5.95 17.65
CA PHE B 87 23.03 -5.79 17.00
C PHE B 87 24.07 -5.32 18.01
N ILE B 88 25.19 -6.03 18.07
CA ILE B 88 26.21 -5.82 19.11
C ILE B 88 27.54 -5.54 18.41
N ASN B 89 28.14 -4.39 18.74
CA ASN B 89 29.49 -4.02 18.30
C ASN B 89 29.57 -3.77 16.80
N TRP B 90 28.49 -3.32 16.18
CA TRP B 90 28.50 -2.98 14.77
C TRP B 90 29.08 -1.60 14.48
N ARG B 91 29.46 -0.85 15.51
CA ARG B 91 29.98 0.50 15.33
C ARG B 91 31.40 0.70 15.85
N THR B 92 31.87 -0.13 16.78
CA THR B 92 33.18 0.02 17.38
C THR B 92 34.16 -0.99 16.79
N PRO B 93 35.43 -0.61 16.61
CA PRO B 93 36.41 -1.54 16.07
C PRO B 93 36.85 -2.57 17.09
N GLY B 94 37.34 -3.69 16.59
CA GLY B 94 37.92 -4.71 17.45
C GLY B 94 37.57 -6.14 17.06
N GLU B 95 38.18 -7.09 17.78
CA GLU B 95 37.91 -8.50 17.59
C GLU B 95 36.47 -8.83 17.99
N GLY B 96 36.00 -9.99 17.57
CA GLY B 96 34.67 -10.44 17.95
C GLY B 96 34.60 -10.73 19.44
N SER B 97 33.57 -10.20 20.09
CA SER B 97 33.33 -10.45 21.50
C SER B 97 31.83 -10.44 21.74
N PRO B 98 31.31 -11.35 22.57
CA PRO B 98 29.88 -11.32 22.91
C PRO B 98 29.50 -10.15 23.80
N ASP B 99 30.48 -9.49 24.42
CA ASP B 99 30.22 -8.35 25.28
C ASP B 99 30.29 -7.06 24.47
N PRO B 100 29.33 -6.16 24.61
CA PRO B 100 29.37 -4.93 23.81
C PRO B 100 30.43 -3.96 24.29
N ARG B 101 31.08 -3.30 23.32
CA ARG B 101 32.05 -2.26 23.63
C ARG B 101 31.33 -0.95 23.95
N THR B 102 32.10 0.11 24.16
CA THR B 102 31.58 1.41 24.55
C THR B 102 31.79 2.40 23.41
N LEU B 103 30.72 3.11 23.04
CA LEU B 103 30.79 4.12 22.01
C LEU B 103 31.56 5.34 22.51
N ASP B 104 31.78 6.30 21.60
CA ASP B 104 32.53 7.51 21.94
C ASP B 104 31.81 8.34 22.98
N ASP B 105 30.48 8.33 22.98
CA ASP B 105 29.70 9.12 23.92
C ASP B 105 29.45 8.39 25.24
N GLY B 106 30.03 7.21 25.43
CA GLY B 106 29.88 6.45 26.65
C GLY B 106 28.80 5.40 26.61
N HIS B 107 27.88 5.47 25.65
CA HIS B 107 26.82 4.48 25.51
C HIS B 107 27.41 3.15 25.06
N THR B 108 26.69 2.07 25.41
CA THR B 108 27.10 0.75 24.96
C THR B 108 26.70 0.54 23.50
N ASP B 109 27.55 -0.17 22.76
CA ASP B 109 27.37 -0.36 21.32
C ASP B 109 26.37 -1.48 21.06
N THR B 110 25.12 -1.20 21.41
CA THR B 110 24.00 -2.08 21.11
C THR B 110 22.82 -1.26 20.62
N PHE B 111 22.05 -1.84 19.70
CA PHE B 111 20.75 -1.28 19.32
C PHE B 111 19.85 -2.42 18.87
N HIS B 112 18.55 -2.22 19.05
CA HIS B 112 17.56 -3.26 18.81
C HIS B 112 16.77 -2.94 17.54
N HIS B 113 16.17 -4.00 16.99
CA HIS B 113 15.26 -3.90 15.85
C HIS B 113 13.99 -4.67 16.22
N PRO B 114 13.10 -4.07 17.01
CA PRO B 114 11.92 -4.80 17.47
C PRO B 114 10.81 -4.78 16.43
N PHE B 115 9.77 -5.56 16.73
CA PHE B 115 8.62 -5.67 15.85
C PHE B 115 7.57 -4.62 16.23
N GLY B 116 6.46 -4.62 15.51
CA GLY B 116 5.40 -3.67 15.76
C GLY B 116 5.54 -2.39 14.98
N LEU B 117 4.53 -1.54 15.12
CA LEU B 117 4.45 -0.26 14.45
C LEU B 117 4.50 0.86 15.47
N LEU B 118 5.16 1.96 15.11
CA LEU B 118 5.32 3.09 16.01
C LEU B 118 4.01 3.89 16.08
N PRO B 119 3.67 4.42 17.26
CA PRO B 119 2.52 5.32 17.35
C PRO B 119 2.77 6.62 16.61
N SER B 120 1.71 7.38 16.40
N SER B 120 1.70 7.37 16.39
CA SER B 120 1.78 8.63 15.67
CA SER B 120 1.77 8.64 15.68
C SER B 120 1.02 9.72 16.42
C SER B 120 1.07 9.72 16.48
N ALA B 121 1.47 10.96 16.22
CA ALA B 121 0.83 12.14 16.79
C ALA B 121 0.68 13.15 15.68
N ASP B 122 -0.56 13.55 15.39
CA ASP B 122 -0.86 14.43 14.25
C ASP B 122 -0.33 13.83 12.95
N GLN B 123 -0.55 12.52 12.78
CA GLN B 123 -0.19 11.74 11.61
C GLN B 123 1.32 11.62 11.39
N ILE B 124 2.12 11.94 12.41
CA ILE B 124 3.58 11.92 12.31
C ILE B 124 4.10 10.83 13.25
N PRO B 125 4.93 9.91 12.78
CA PRO B 125 5.39 8.82 13.65
C PRO B 125 6.21 9.34 14.82
N LEU B 126 6.23 8.55 15.90
CA LEU B 126 6.97 8.94 17.09
C LEU B 126 8.47 9.06 16.80
N SER B 127 8.97 8.32 15.81
CA SER B 127 10.39 8.38 15.47
C SER B 127 10.82 9.80 15.11
N HIS B 128 9.94 10.56 14.44
CA HIS B 128 10.30 11.91 14.01
C HIS B 128 10.30 12.90 15.17
N TYR B 129 9.46 12.69 16.18
CA TYR B 129 9.53 13.51 17.38
C TYR B 129 10.81 13.21 18.16
N TRP B 130 11.24 11.95 18.17
CA TRP B 130 12.51 11.61 18.81
C TRP B 130 13.68 12.29 18.10
N ALA B 131 13.69 12.22 16.76
CA ALA B 131 14.80 12.79 16.00
C ALA B 131 14.90 14.29 16.20
N ALA B 132 13.76 14.97 16.28
CA ALA B 132 13.78 16.41 16.52
C ALA B 132 14.44 16.74 17.86
N LYS B 133 14.09 15.98 18.91
CA LYS B 133 14.71 16.21 20.22
C LYS B 133 16.19 15.82 20.21
N ARG B 134 16.53 14.72 19.56
CA ARG B 134 17.92 14.26 19.56
C ARG B 134 18.83 15.22 18.79
N LEU B 135 18.36 15.70 17.63
CA LEU B 135 19.19 16.60 16.83
C LEU B 135 19.39 17.94 17.51
N GLN B 136 18.44 18.37 18.33
CA GLN B 136 18.54 19.64 19.04
C GLN B 136 19.17 19.50 20.41
N GLY B 137 19.63 18.30 20.78
CA GLY B 137 20.25 18.11 22.07
C GLY B 137 19.28 18.09 23.24
N GLU B 138 17.98 17.95 22.97
CA GLU B 138 16.97 17.94 24.02
C GLU B 138 16.72 16.56 24.63
N THR B 139 17.30 15.50 24.06
CA THR B 139 17.22 14.18 24.66
C THR B 139 18.54 13.44 24.45
N ASP B 140 18.84 12.53 25.37
CA ASP B 140 19.99 11.66 25.24
C ASP B 140 19.61 10.19 25.13
N GLU B 141 18.33 9.88 25.14
CA GLU B 141 17.89 8.50 24.95
C GLU B 141 18.11 8.07 23.51
N ASN B 142 18.46 6.80 23.32
CA ASN B 142 18.54 6.25 21.98
C ASN B 142 17.14 6.00 21.43
N PHE B 143 17.07 5.81 20.11
CA PHE B 143 15.78 5.66 19.45
C PHE B 143 15.01 4.46 19.99
N ASP B 144 15.67 3.31 20.12
CA ASP B 144 14.95 2.08 20.47
C ASP B 144 14.37 2.15 21.89
N GLU B 145 15.12 2.74 22.83
CA GLU B 145 14.65 2.83 24.21
C GLU B 145 13.60 3.92 24.39
N ALA B 146 13.56 4.92 23.52
CA ALA B 146 12.57 5.99 23.63
C ALA B 146 11.24 5.61 22.98
N CYS B 147 11.27 4.80 21.93
CA CYS B 147 10.09 4.54 21.11
C CYS B 147 9.52 3.14 21.26
N PHE B 148 10.24 2.22 21.91
CA PHE B 148 9.77 0.85 22.09
C PHE B 148 9.83 0.50 23.56
N ALA B 149 8.67 0.15 24.14
CA ALA B 149 8.68 -0.46 25.47
C ALA B 149 9.31 -1.85 25.45
N ASP B 150 9.40 -2.46 24.26
CA ASP B 150 10.02 -3.77 24.14
C ASP B 150 11.49 -3.72 24.55
N THR B 151 12.14 -2.58 24.34
CA THR B 151 13.57 -2.45 24.68
C THR B 151 13.80 -2.67 26.17
N ALA B 152 12.93 -2.09 27.01
CA ALA B 152 13.07 -2.27 28.44
C ALA B 152 12.77 -3.71 28.85
N ILE B 153 11.81 -4.34 28.18
CA ILE B 153 11.48 -5.73 28.48
C ILE B 153 12.63 -6.65 28.10
N MET B 154 13.26 -6.41 26.94
CA MET B 154 14.36 -7.26 26.51
C MET B 154 15.60 -7.08 27.38
N ASN B 155 15.86 -5.85 27.83
CA ASN B 155 16.99 -5.61 28.71
C ASN B 155 16.84 -6.36 30.03
N ALA B 156 15.61 -6.61 30.46
CA ALA B 156 15.33 -7.40 31.65
C ALA B 156 15.05 -8.86 31.33
N LYS B 157 15.10 -9.24 30.06
CA LYS B 157 14.90 -10.63 29.63
C LYS B 157 13.53 -11.17 30.04
N LYS B 158 12.53 -10.30 30.04
CA LYS B 158 11.17 -10.69 30.37
C LYS B 158 10.46 -11.27 29.16
N ALA B 159 9.43 -12.07 29.43
CA ALA B 159 8.69 -12.77 28.39
C ALA B 159 7.70 -11.83 27.70
N PRO B 160 7.35 -12.11 26.44
CA PRO B 160 6.33 -11.29 25.77
C PRO B 160 4.91 -11.61 26.19
N ARG B 161 4.69 -12.66 26.98
CA ARG B 161 3.37 -13.00 27.49
C ARG B 161 3.43 -13.18 28.99
N PHE B 162 2.29 -12.95 29.65
CA PHE B 162 2.15 -13.27 31.06
C PHE B 162 1.97 -14.77 31.23
N LEU B 163 1.89 -15.22 32.48
CA LEU B 163 1.74 -16.64 32.75
C LEU B 163 0.37 -17.16 32.33
N ASP B 164 -0.67 -16.30 32.40
CA ASP B 164 -1.98 -16.66 31.90
C ASP B 164 -2.12 -16.44 30.40
N MET B 165 -1.00 -16.22 29.71
CA MET B 165 -0.90 -16.13 28.25
C MET B 165 -1.51 -14.87 27.66
N ARG B 166 -1.79 -13.85 28.48
CA ARG B 166 -2.19 -12.56 27.92
C ARG B 166 -0.99 -11.93 27.20
N ARG B 167 -1.22 -11.48 25.98
CA ARG B 167 -0.15 -10.87 25.19
C ARG B 167 0.25 -9.53 25.77
N ALA B 168 1.56 -9.27 25.81
CA ALA B 168 2.10 -7.98 26.23
C ALA B 168 2.71 -7.18 25.09
N THR B 169 3.34 -7.86 24.12
CA THR B 169 3.94 -7.21 22.97
C THR B 169 3.87 -8.16 21.78
N ASN B 170 4.30 -7.67 20.62
CA ASN B 170 4.48 -8.54 19.47
C ASN B 170 5.74 -9.39 19.65
N TYR B 171 5.76 -10.54 18.98
CA TYR B 171 6.92 -11.41 19.11
C TYR B 171 6.92 -12.43 17.97
N ALA B 172 8.09 -13.00 17.72
CA ALA B 172 8.24 -14.10 16.78
C ALA B 172 8.85 -15.30 17.50
N TRP B 173 9.47 -16.22 16.76
CA TRP B 173 9.87 -17.50 17.35
C TRP B 173 11.29 -17.88 16.93
N HIS B 174 11.98 -18.53 17.87
CA HIS B 174 13.19 -19.29 17.61
C HIS B 174 12.85 -20.77 17.70
N PHE B 175 13.41 -21.57 16.79
CA PHE B 175 13.18 -23.01 16.87
C PHE B 175 14.28 -23.75 16.12
N ASP B 176 14.26 -25.07 16.27
CA ASP B 176 15.09 -25.96 15.48
C ASP B 176 14.33 -26.28 14.19
N ALA B 177 14.95 -25.92 13.05
CA ALA B 177 14.26 -26.05 11.77
C ALA B 177 13.94 -27.50 11.43
N SER B 178 14.82 -28.44 11.81
CA SER B 178 14.60 -29.83 11.48
C SER B 178 13.41 -30.41 12.26
N LYS B 179 13.20 -29.95 13.49
CA LYS B 179 12.03 -30.40 14.25
C LYS B 179 10.73 -29.82 13.70
N VAL B 180 10.78 -28.59 13.19
CA VAL B 180 9.60 -28.01 12.54
C VAL B 180 9.25 -28.79 11.28
N ALA B 181 10.26 -29.13 10.47
CA ALA B 181 10.01 -29.92 9.26
C ALA B 181 9.42 -31.29 9.61
N ALA B 182 9.96 -31.95 10.62
CA ALA B 182 9.42 -33.24 11.04
C ALA B 182 7.98 -33.13 11.51
N PHE B 183 7.66 -32.04 12.23
CA PHE B 183 6.29 -31.82 12.67
C PHE B 183 5.34 -31.67 11.49
N LEU B 184 5.73 -30.84 10.51
CA LEU B 184 4.87 -30.62 9.36
C LEU B 184 4.76 -31.87 8.48
N ARG B 185 5.82 -32.68 8.41
CA ARG B 185 5.75 -33.92 7.66
C ARG B 185 4.68 -34.83 8.24
N ASN B 186 4.69 -35.02 9.56
CA ASN B 186 3.68 -35.87 10.20
C ASN B 186 2.29 -35.30 10.01
N PHE B 187 2.15 -33.98 10.12
CA PHE B 187 0.86 -33.34 9.92
C PHE B 187 0.36 -33.55 8.49
N ALA B 188 1.21 -33.28 7.51
CA ALA B 188 0.78 -33.36 6.12
C ALA B 188 0.48 -34.79 5.69
N VAL B 189 1.18 -35.77 6.25
CA VAL B 189 0.98 -37.15 5.83
C VAL B 189 -0.26 -37.76 6.49
N THR B 190 -0.42 -37.54 7.79
CA THR B 190 -1.53 -38.17 8.52
C THR B 190 -2.83 -37.40 8.35
N LYS B 191 -2.77 -36.07 8.30
CA LYS B 191 -3.97 -35.26 8.31
C LYS B 191 -4.31 -34.63 6.96
N GLN B 192 -3.45 -34.75 5.95
CA GLN B 192 -3.69 -34.08 4.67
C GLN B 192 -3.45 -34.98 3.46
N ALA B 193 -3.23 -36.28 3.65
CA ALA B 193 -3.13 -37.24 2.56
C ALA B 193 -1.98 -36.95 1.61
N VAL B 194 -0.92 -36.33 2.10
CA VAL B 194 0.28 -36.12 1.30
C VAL B 194 1.08 -37.41 1.27
N GLU B 195 1.57 -37.79 0.09
CA GLU B 195 2.37 -39.00 -0.06
C GLU B 195 3.85 -38.66 0.07
N HIS B 196 4.54 -39.37 0.96
CA HIS B 196 5.96 -39.19 1.21
C HIS B 196 6.73 -40.33 0.55
N VAL B 197 7.59 -39.99 -0.41
CA VAL B 197 8.43 -40.95 -1.11
C VAL B 197 9.86 -40.72 -0.66
N GLU B 198 10.42 -41.69 0.08
CA GLU B 198 11.78 -41.57 0.61
C GLU B 198 12.74 -42.19 -0.40
N ASP B 199 13.28 -41.36 -1.27
CA ASP B 199 14.18 -41.82 -2.33
C ASP B 199 14.88 -40.61 -2.93
N GLU B 200 15.92 -40.89 -3.70
CA GLU B 200 16.64 -39.85 -4.43
C GLU B 200 16.16 -39.77 -5.87
N MET B 201 16.18 -38.56 -6.41
CA MET B 201 15.86 -38.32 -7.81
C MET B 201 17.14 -38.48 -8.64
N THR B 202 17.04 -39.20 -9.76
CA THR B 202 18.21 -39.42 -10.61
C THR B 202 18.12 -38.75 -11.96
N GLU B 203 16.93 -38.64 -12.55
CA GLU B 203 16.76 -38.01 -13.86
C GLU B 203 15.47 -37.21 -13.87
N VAL B 204 15.48 -36.14 -14.65
CA VAL B 204 14.31 -35.30 -14.88
C VAL B 204 13.94 -35.41 -16.35
N LEU B 205 12.74 -35.90 -16.64
CA LEU B 205 12.28 -36.11 -18.00
C LEU B 205 11.39 -34.95 -18.42
N THR B 206 11.68 -34.38 -19.60
CA THR B 206 10.96 -33.23 -20.10
C THR B 206 10.38 -33.55 -21.47
N ASP B 207 9.28 -32.88 -21.83
CA ASP B 207 8.62 -33.12 -23.10
C ASP B 207 9.17 -32.16 -24.17
N GLU B 208 8.52 -32.13 -25.33
N GLU B 208 8.49 -32.12 -25.32
CA GLU B 208 9.00 -31.29 -26.42
CA GLU B 208 8.97 -31.32 -26.44
C GLU B 208 8.82 -29.81 -26.14
C GLU B 208 8.91 -29.82 -26.14
N ARG B 209 7.88 -29.45 -25.26
N ARG B 209 7.94 -29.38 -25.35
CA ARG B 209 7.69 -28.05 -24.88
CA ARG B 209 7.82 -27.96 -25.01
C ARG B 209 8.67 -27.57 -23.83
C ARG B 209 8.68 -27.56 -23.82
N GLY B 210 9.49 -28.47 -23.29
CA GLY B 210 10.37 -28.16 -22.18
C GLY B 210 9.74 -28.28 -20.81
N PHE B 211 8.50 -28.77 -20.73
CA PHE B 211 7.83 -28.97 -19.45
C PHE B 211 8.28 -30.30 -18.82
N ILE B 212 8.46 -30.29 -17.50
CA ILE B 212 8.77 -31.52 -16.79
C ILE B 212 7.53 -32.40 -16.78
N THR B 213 7.71 -33.67 -17.15
CA THR B 213 6.61 -34.63 -17.09
C THR B 213 6.77 -35.66 -15.98
N ALA B 214 7.99 -35.98 -15.58
CA ALA B 214 8.19 -36.99 -14.56
C ALA B 214 9.61 -36.90 -14.01
N LEU B 215 9.80 -37.50 -12.83
CA LEU B 215 11.09 -37.70 -12.22
C LEU B 215 11.35 -39.19 -12.04
N ARG B 216 12.57 -39.62 -12.32
CA ARG B 216 12.97 -40.99 -12.02
C ARG B 216 13.65 -41.04 -10.66
N THR B 217 13.34 -42.06 -9.89
CA THR B 217 13.95 -42.25 -8.59
C THR B 217 15.10 -43.25 -8.66
N LYS B 218 15.95 -43.23 -7.63
CA LYS B 218 17.08 -44.14 -7.57
C LYS B 218 16.62 -45.60 -7.59
N SER B 219 15.44 -45.89 -7.07
CA SER B 219 14.91 -47.25 -7.03
C SER B 219 14.27 -47.68 -8.35
N GLY B 220 14.20 -46.81 -9.36
CA GLY B 220 13.62 -47.16 -10.64
C GLY B 220 12.19 -46.71 -10.81
N ARG B 221 11.52 -46.28 -9.75
CA ARG B 221 10.16 -45.78 -9.83
C ARG B 221 10.10 -44.47 -10.59
N ILE B 222 8.99 -44.26 -11.30
CA ILE B 222 8.74 -43.03 -12.05
C ILE B 222 7.64 -42.25 -11.33
N LEU B 223 7.91 -40.97 -11.06
CA LEU B 223 6.94 -40.08 -10.40
C LEU B 223 6.42 -39.10 -11.43
N GLN B 224 5.18 -39.32 -11.87
CA GLN B 224 4.56 -38.43 -12.83
C GLN B 224 3.88 -37.27 -12.09
N GLY B 225 3.84 -36.11 -12.73
CA GLY B 225 3.18 -34.95 -12.14
C GLY B 225 2.84 -33.93 -13.19
N ASP B 226 2.07 -32.93 -12.78
CA ASP B 226 1.69 -31.83 -13.65
C ASP B 226 2.35 -30.52 -13.29
N LEU B 227 2.64 -30.30 -12.01
CA LEU B 227 3.33 -29.13 -11.51
C LEU B 227 4.42 -29.58 -10.55
N PHE B 228 5.60 -28.99 -10.65
CA PHE B 228 6.76 -29.41 -9.88
C PHE B 228 7.32 -28.24 -9.09
N VAL B 229 7.54 -28.46 -7.80
CA VAL B 229 8.08 -27.46 -6.89
C VAL B 229 9.49 -27.88 -6.50
N ASP B 230 10.47 -27.04 -6.85
CA ASP B 230 11.87 -27.32 -6.56
C ASP B 230 12.19 -26.80 -5.16
N CYS B 231 12.32 -27.72 -4.21
CA CYS B 231 12.75 -27.42 -2.85
C CYS B 231 14.06 -28.15 -2.54
N SER B 232 14.92 -28.28 -3.55
CA SER B 232 16.14 -29.07 -3.45
C SER B 232 17.33 -28.27 -2.92
N GLY B 233 17.12 -27.02 -2.53
CA GLY B 233 18.20 -26.22 -1.97
C GLY B 233 19.04 -25.53 -3.01
N PHE B 234 20.28 -25.22 -2.62
CA PHE B 234 21.17 -24.42 -3.46
C PHE B 234 21.47 -25.07 -4.79
N ARG B 235 21.34 -26.39 -4.90
CA ARG B 235 21.67 -27.06 -6.15
C ARG B 235 20.67 -26.73 -7.25
N GLY B 236 19.42 -26.45 -6.89
CA GLY B 236 18.39 -26.13 -7.87
C GLY B 236 18.26 -27.19 -8.94
N LEU B 237 18.01 -28.43 -8.51
CA LEU B 237 18.06 -29.56 -9.43
C LEU B 237 17.02 -29.45 -10.54
N LEU B 238 15.89 -28.78 -10.28
CA LEU B 238 14.87 -28.59 -11.29
C LEU B 238 14.99 -27.23 -11.97
N ILE B 239 14.97 -26.14 -11.20
CA ILE B 239 14.89 -24.80 -11.78
C ILE B 239 16.18 -24.43 -12.48
N ASN B 240 17.33 -24.83 -11.94
CA ASN B 240 18.64 -24.46 -12.49
C ASN B 240 19.22 -25.54 -13.41
N LYS B 241 19.21 -26.80 -12.97
CA LYS B 241 19.77 -27.87 -13.80
C LYS B 241 18.84 -28.21 -14.95
N ALA B 242 17.62 -28.68 -14.65
CA ALA B 242 16.72 -29.17 -15.68
C ALA B 242 16.20 -28.02 -16.55
N MET B 243 15.66 -26.98 -15.93
CA MET B 243 15.11 -25.86 -16.69
C MET B 243 16.15 -24.87 -17.16
N GLU B 244 17.39 -24.97 -16.67
CA GLU B 244 18.50 -24.14 -17.13
C GLU B 244 18.24 -22.65 -16.91
N GLU B 245 17.46 -22.31 -15.89
CA GLU B 245 17.23 -20.91 -15.60
C GLU B 245 18.46 -20.34 -14.88
N PRO B 246 19.04 -19.26 -15.37
CA PRO B 246 20.26 -18.73 -14.75
C PRO B 246 19.99 -18.13 -13.38
N PHE B 247 20.98 -18.28 -12.51
CA PHE B 247 20.95 -17.68 -11.18
C PHE B 247 21.72 -16.36 -11.23
N ILE B 248 21.09 -15.29 -10.75
CA ILE B 248 21.69 -13.96 -10.76
C ILE B 248 22.48 -13.81 -9.46
N ASP B 249 23.80 -13.93 -9.57
CA ASP B 249 24.66 -13.74 -8.39
C ASP B 249 24.69 -12.27 -8.02
N MET B 250 24.46 -11.97 -6.75
CA MET B 250 24.41 -10.61 -6.25
C MET B 250 25.44 -10.38 -5.16
N SER B 251 26.62 -10.98 -5.34
CA SER B 251 27.73 -10.77 -4.41
C SER B 251 28.28 -9.36 -4.47
N ASP B 252 27.91 -8.58 -5.48
CA ASP B 252 28.30 -7.18 -5.56
C ASP B 252 27.43 -6.28 -4.68
N HIS B 253 26.46 -6.86 -3.96
CA HIS B 253 25.71 -6.15 -2.94
C HIS B 253 25.99 -6.64 -1.53
N LEU B 254 26.29 -7.92 -1.36
CA LEU B 254 26.56 -8.52 -0.06
C LEU B 254 27.77 -9.42 -0.21
N LEU B 255 28.80 -9.17 0.59
CA LEU B 255 30.07 -9.87 0.43
C LEU B 255 30.12 -11.22 1.12
N CYS B 256 29.29 -11.44 2.14
CA CYS B 256 29.33 -12.69 2.87
C CYS B 256 28.86 -13.84 2.01
N ASN B 257 29.49 -15.00 2.18
CA ASN B 257 29.15 -16.16 1.35
C ASN B 257 29.44 -17.48 2.04
N SER B 258 29.84 -17.49 3.30
CA SER B 258 30.18 -18.72 4.00
C SER B 258 29.65 -18.64 5.43
N ALA B 259 29.60 -19.79 6.10
CA ALA B 259 29.14 -19.83 7.48
C ALA B 259 29.67 -21.08 8.17
N VAL B 260 30.04 -20.93 9.43
CA VAL B 260 30.36 -22.05 10.32
C VAL B 260 29.48 -21.93 11.54
N ALA B 261 28.83 -23.03 11.93
CA ALA B 261 27.80 -22.97 12.96
C ALA B 261 27.86 -24.20 13.85
N THR B 262 27.21 -24.09 15.01
CA THR B 262 27.11 -25.18 15.97
C THR B 262 26.00 -24.84 16.95
N ALA B 263 25.79 -25.74 17.91
CA ALA B 263 24.88 -25.51 19.02
C ALA B 263 25.65 -25.59 20.32
N VAL B 264 25.39 -24.65 21.23
CA VAL B 264 26.15 -24.49 22.46
C VAL B 264 25.21 -24.72 23.63
N PRO B 265 25.53 -25.63 24.55
CA PRO B 265 24.71 -25.78 25.76
C PRO B 265 24.71 -24.50 26.58
N HIS B 266 23.56 -24.25 27.22
CA HIS B 266 23.36 -23.00 27.96
C HIS B 266 22.64 -23.30 29.25
N ASP B 267 23.14 -22.75 30.36
CA ASP B 267 22.51 -22.89 31.67
C ASP B 267 21.40 -21.86 31.76
N ASP B 268 20.19 -22.27 31.39
CA ASP B 268 19.06 -21.34 31.37
C ASP B 268 18.67 -20.91 32.79
N GLU B 269 18.74 -21.82 33.76
CA GLU B 269 18.32 -21.49 35.11
C GLU B 269 19.21 -20.42 35.72
N LYS B 270 20.52 -20.46 35.42
CA LYS B 270 21.45 -19.49 35.99
C LYS B 270 21.37 -18.14 35.29
N ASN B 271 21.45 -18.15 33.96
CA ASN B 271 21.62 -16.92 33.19
C ASN B 271 20.32 -16.37 32.62
N GLY B 272 19.25 -17.15 32.63
CA GLY B 272 18.03 -16.74 31.95
C GLY B 272 18.12 -16.94 30.45
N VAL B 273 17.01 -16.65 29.79
CA VAL B 273 16.89 -16.79 28.34
C VAL B 273 16.61 -15.43 27.73
N GLU B 274 17.39 -15.06 26.73
CA GLU B 274 17.18 -13.79 26.06
C GLU B 274 16.03 -13.92 25.07
N PRO B 275 15.00 -13.06 25.17
CA PRO B 275 13.89 -13.10 24.22
C PRO B 275 14.17 -12.37 22.90
N TYR B 276 15.35 -12.64 22.33
CA TYR B 276 15.73 -11.97 21.10
C TYR B 276 16.89 -12.70 20.45
N THR B 277 17.11 -12.39 19.17
CA THR B 277 18.26 -12.87 18.43
C THR B 277 19.37 -11.83 18.50
N SER B 278 20.60 -12.29 18.66
CA SER B 278 21.77 -11.41 18.77
C SER B 278 22.58 -11.49 17.49
N SER B 279 22.98 -10.34 16.97
CA SER B 279 23.88 -10.24 15.82
C SER B 279 25.19 -9.63 16.30
N ILE B 280 26.20 -10.46 16.51
CA ILE B 280 27.47 -10.07 17.11
C ILE B 280 28.46 -9.84 15.97
N ALA B 281 28.89 -8.59 15.80
CA ALA B 281 29.81 -8.24 14.73
C ALA B 281 31.18 -8.89 14.94
N MET B 282 31.78 -9.33 13.84
CA MET B 282 33.09 -9.96 13.83
C MET B 282 34.03 -9.18 12.90
N GLU B 283 35.26 -9.68 12.78
CA GLU B 283 36.24 -9.00 11.93
C GLU B 283 35.92 -9.17 10.45
N ALA B 284 35.38 -10.33 10.05
CA ALA B 284 35.08 -10.62 8.66
C ALA B 284 33.62 -11.00 8.48
N GLY B 285 32.74 -10.46 9.31
CA GLY B 285 31.33 -10.76 9.22
C GLY B 285 30.60 -10.55 10.54
N TRP B 286 29.78 -11.51 10.92
CA TRP B 286 29.00 -11.41 12.15
C TRP B 286 28.59 -12.81 12.58
N THR B 287 28.14 -12.92 13.82
CA THR B 287 27.75 -14.20 14.41
C THR B 287 26.36 -14.06 15.01
N TRP B 288 25.48 -15.00 14.69
CA TRP B 288 24.15 -14.99 15.30
C TRP B 288 24.14 -15.80 16.58
N LYS B 289 23.19 -15.48 17.44
CA LYS B 289 22.93 -16.24 18.66
C LYS B 289 21.42 -16.39 18.78
N ILE B 290 20.94 -17.62 18.66
CA ILE B 290 19.51 -17.90 18.66
C ILE B 290 19.20 -18.74 19.88
N PRO B 291 18.81 -18.14 20.99
CA PRO B 291 18.62 -18.92 22.22
C PRO B 291 17.36 -19.78 22.15
N MET B 292 17.49 -21.00 22.65
CA MET B 292 16.36 -21.91 22.80
C MET B 292 16.40 -22.51 24.20
N LEU B 293 15.50 -23.45 24.48
CA LEU B 293 15.43 -24.07 25.80
C LEU B 293 16.59 -25.03 25.97
N GLY B 294 17.52 -24.71 26.88
CA GLY B 294 18.65 -25.56 27.18
C GLY B 294 19.90 -25.28 26.36
N ARG B 295 19.79 -24.54 25.26
CA ARG B 295 20.92 -24.32 24.38
C ARG B 295 20.61 -23.13 23.47
N PHE B 296 21.65 -22.56 22.89
CA PHE B 296 21.49 -21.55 21.85
C PHE B 296 22.29 -21.96 20.63
N GLY B 297 21.69 -21.77 19.45
CA GLY B 297 22.40 -21.96 18.22
C GLY B 297 23.21 -20.73 17.85
N SER B 298 24.37 -20.96 17.24
CA SER B 298 25.26 -19.87 16.88
C SER B 298 25.97 -20.20 15.58
N GLY B 299 26.14 -19.19 14.73
CA GLY B 299 26.82 -19.36 13.47
C GLY B 299 27.52 -18.08 13.01
N HIS B 300 28.77 -18.21 12.57
CA HIS B 300 29.55 -17.07 12.10
C HIS B 300 29.39 -16.96 10.58
N VAL B 301 28.69 -15.92 10.14
CA VAL B 301 28.57 -15.61 8.73
C VAL B 301 29.76 -14.75 8.33
N TYR B 302 30.49 -15.18 7.30
CA TYR B 302 31.71 -14.48 6.92
C TYR B 302 31.89 -14.54 5.41
N SER B 303 32.81 -13.73 4.91
CA SER B 303 33.19 -13.71 3.51
C SER B 303 34.55 -14.39 3.35
N ASP B 304 34.62 -15.40 2.48
CA ASP B 304 35.87 -16.10 2.28
C ASP B 304 36.89 -15.28 1.50
N HIS B 305 36.49 -14.13 0.95
CA HIS B 305 37.46 -13.20 0.38
C HIS B 305 38.28 -12.49 1.45
N PHE B 306 37.86 -12.55 2.72
CA PHE B 306 38.55 -11.86 3.79
C PHE B 306 38.88 -12.74 4.99
N ALA B 307 38.50 -14.02 4.97
CA ALA B 307 38.85 -14.93 6.06
C ALA B 307 38.73 -16.36 5.54
N THR B 308 39.76 -17.17 5.79
CA THR B 308 39.69 -18.58 5.46
C THR B 308 38.78 -19.31 6.44
N GLN B 309 38.45 -20.56 6.07
CA GLN B 309 37.56 -21.35 6.93
C GLN B 309 38.17 -21.56 8.31
N ASP B 310 39.47 -21.81 8.39
CA ASP B 310 40.12 -21.99 9.68
C ASP B 310 40.13 -20.69 10.49
N GLU B 311 40.44 -19.57 9.83
CA GLU B 311 40.42 -18.28 10.51
C GLU B 311 39.03 -18.00 11.09
N ALA B 312 37.98 -18.25 10.29
CA ALA B 312 36.62 -17.99 10.77
C ALA B 312 36.24 -18.96 11.88
N THR B 313 36.69 -20.21 11.79
CA THR B 313 36.36 -21.19 12.82
C THR B 313 37.05 -20.87 14.15
N LEU B 314 38.29 -20.37 14.09
CA LEU B 314 39.00 -20.02 15.31
C LEU B 314 38.38 -18.79 15.98
N ALA B 315 38.10 -17.75 15.18
CA ALA B 315 37.45 -16.56 15.75
C ALA B 315 36.06 -16.91 16.28
N PHE B 316 35.35 -17.78 15.59
CA PHE B 316 34.05 -18.24 16.07
C PHE B 316 34.20 -19.02 17.37
N SER B 317 35.22 -19.88 17.46
CA SER B 317 35.46 -20.64 18.69
C SER B 317 35.86 -19.72 19.83
N LYS B 318 36.76 -18.77 19.57
CA LYS B 318 37.16 -17.83 20.61
C LYS B 318 35.99 -17.01 21.12
N LEU B 319 34.99 -16.76 20.27
CA LEU B 319 33.81 -16.01 20.69
C LEU B 319 33.13 -16.65 21.88
N TRP B 320 32.87 -17.95 21.80
CA TRP B 320 32.17 -18.68 22.85
C TRP B 320 33.13 -19.51 23.71
N GLY B 321 34.43 -19.36 23.51
CA GLY B 321 35.41 -20.13 24.27
C GLY B 321 35.28 -21.62 24.02
N LEU B 322 35.20 -22.01 22.76
CA LEU B 322 35.04 -23.41 22.38
C LEU B 322 36.38 -24.01 21.99
N ASP B 323 36.49 -25.31 22.19
CA ASP B 323 37.65 -26.06 21.72
C ASP B 323 37.42 -26.45 20.27
N PRO B 324 38.14 -25.83 19.32
CA PRO B 324 37.88 -26.12 17.90
C PRO B 324 38.14 -27.58 17.51
N ASP B 325 38.95 -28.30 18.26
CA ASP B 325 39.24 -29.69 17.96
C ASP B 325 38.27 -30.67 18.62
N ASN B 326 37.45 -30.21 19.56
CA ASN B 326 36.51 -31.08 20.28
C ASN B 326 35.11 -30.48 20.28
N THR B 327 34.72 -29.88 19.15
CA THR B 327 33.39 -29.31 18.99
C THR B 327 32.88 -29.67 17.61
N GLU B 328 31.58 -30.01 17.54
CA GLU B 328 30.98 -30.40 16.27
C GLU B 328 30.55 -29.14 15.52
N PHE B 329 31.20 -28.88 14.39
CA PHE B 329 30.93 -27.71 13.57
C PHE B 329 30.31 -28.11 12.24
N ASN B 330 29.50 -27.22 11.70
CA ASN B 330 28.94 -27.37 10.36
C ASN B 330 29.43 -26.21 9.50
N HIS B 331 30.00 -26.52 8.35
CA HIS B 331 30.50 -25.52 7.41
C HIS B 331 29.58 -25.47 6.20
N VAL B 332 29.20 -24.26 5.80
CA VAL B 332 28.27 -24.06 4.70
C VAL B 332 28.85 -22.99 3.78
N ARG B 333 28.74 -23.21 2.47
CA ARG B 333 29.07 -22.22 1.46
C ARG B 333 27.81 -21.96 0.66
N PHE B 334 27.28 -20.74 0.73
CA PHE B 334 26.00 -20.42 0.13
C PHE B 334 26.15 -19.39 -0.98
N ARG B 335 25.17 -19.40 -1.89
CA ARG B 335 25.09 -18.42 -2.96
C ARG B 335 24.12 -17.32 -2.56
N VAL B 336 24.46 -16.08 -2.92
CA VAL B 336 23.64 -14.92 -2.59
C VAL B 336 23.10 -14.34 -3.88
N GLY B 337 21.79 -14.27 -3.98
CA GLY B 337 21.12 -13.75 -5.16
C GLY B 337 19.81 -14.46 -5.35
N ARG B 338 19.33 -14.44 -6.59
CA ARG B 338 18.06 -15.06 -6.93
C ARG B 338 18.11 -15.52 -8.38
N ASN B 339 17.22 -16.45 -8.70
CA ASN B 339 17.04 -16.85 -10.09
C ASN B 339 16.52 -15.68 -10.90
N ARG B 340 16.84 -15.68 -12.20
CA ARG B 340 16.27 -14.68 -13.10
C ARG B 340 14.75 -14.71 -13.05
N ARG B 341 14.18 -15.91 -12.98
CA ARG B 341 12.75 -16.10 -12.79
C ARG B 341 12.54 -17.25 -11.81
N ALA B 342 11.69 -17.03 -10.82
CA ALA B 342 11.46 -18.07 -9.81
C ALA B 342 10.59 -19.20 -10.36
N TRP B 343 9.71 -18.88 -11.31
CA TRP B 343 8.78 -19.83 -11.88
C TRP B 343 9.02 -19.88 -13.38
N VAL B 344 9.40 -21.06 -13.89
CA VAL B 344 9.69 -21.25 -15.29
C VAL B 344 8.88 -22.45 -15.77
N ARG B 345 8.01 -22.21 -16.76
CA ARG B 345 7.12 -23.25 -17.29
C ARG B 345 6.30 -23.89 -16.17
N ASN B 346 6.51 -25.19 -15.91
CA ASN B 346 5.77 -25.86 -14.85
C ASN B 346 6.67 -26.20 -13.65
N CYS B 347 7.70 -25.39 -13.42
CA CYS B 347 8.63 -25.59 -12.31
C CYS B 347 8.64 -24.31 -11.45
N VAL B 348 8.26 -24.44 -10.19
CA VAL B 348 8.24 -23.33 -9.25
C VAL B 348 9.33 -23.59 -8.21
N SER B 349 10.23 -22.62 -8.05
CA SER B 349 11.29 -22.74 -7.05
C SER B 349 10.85 -22.06 -5.76
N VAL B 350 11.09 -22.72 -4.64
CA VAL B 350 10.72 -22.22 -3.32
C VAL B 350 11.91 -22.42 -2.38
N GLY B 351 12.22 -21.39 -1.61
CA GLY B 351 13.30 -21.49 -0.65
C GLY B 351 14.67 -21.24 -1.22
N LEU B 352 15.66 -22.00 -0.76
CA LEU B 352 17.04 -21.79 -1.19
C LEU B 352 17.21 -22.05 -2.68
N ALA B 353 16.38 -22.91 -3.27
CA ALA B 353 16.44 -23.13 -4.71
C ALA B 353 16.03 -21.89 -5.49
N SER B 354 15.26 -20.99 -4.88
CA SER B 354 14.83 -19.76 -5.52
C SER B 354 15.77 -18.61 -5.27
N CYS B 355 16.06 -18.31 -4.00
CA CYS B 355 16.85 -17.15 -3.64
C CYS B 355 17.32 -17.29 -2.20
N PHE B 356 18.29 -16.47 -1.82
CA PHE B 356 18.85 -16.56 -0.48
C PHE B 356 19.63 -15.29 -0.16
N VAL B 357 19.47 -14.82 1.09
CA VAL B 357 20.36 -13.83 1.67
C VAL B 357 20.80 -14.36 3.03
N GLU B 358 21.88 -13.78 3.53
CA GLU B 358 22.33 -14.11 4.88
C GLU B 358 21.21 -13.84 5.88
N PRO B 359 21.07 -14.66 6.93
CA PRO B 359 19.93 -14.51 7.84
C PRO B 359 20.06 -13.33 8.80
N LEU B 360 20.49 -12.17 8.28
CA LEU B 360 20.69 -11.01 9.15
C LEU B 360 19.37 -10.46 9.69
N GLU B 361 18.27 -10.66 8.96
CA GLU B 361 16.97 -10.17 9.40
C GLU B 361 15.89 -11.24 9.22
N SER B 362 16.27 -12.51 9.36
CA SER B 362 15.31 -13.62 9.41
C SER B 362 14.43 -13.66 8.16
N SER B 363 15.07 -13.70 7.00
CA SER B 363 14.34 -13.70 5.74
C SER B 363 13.95 -15.10 5.27
N GLY B 364 14.64 -16.14 5.74
CA GLY B 364 14.49 -17.49 5.21
C GLY B 364 13.07 -18.03 5.21
N ILE B 365 12.47 -18.19 6.40
CA ILE B 365 11.13 -18.74 6.50
C ILE B 365 10.12 -17.81 5.84
N TYR B 366 10.33 -16.50 5.98
CA TYR B 366 9.43 -15.53 5.37
C TYR B 366 9.42 -15.66 3.85
N PHE B 367 10.61 -15.81 3.24
CA PHE B 367 10.70 -16.01 1.80
C PHE B 367 9.94 -17.26 1.36
N ILE B 368 10.00 -18.32 2.17
CA ILE B 368 9.29 -19.55 1.83
C ILE B 368 7.79 -19.31 1.85
N TYR B 369 7.27 -18.75 2.94
CA TYR B 369 5.82 -18.57 3.06
C TYR B 369 5.29 -17.62 2.00
N ALA B 370 5.99 -16.51 1.76
CA ALA B 370 5.53 -15.55 0.76
C ALA B 370 5.43 -16.19 -0.61
N ALA B 371 6.37 -17.08 -0.93
CA ALA B 371 6.31 -17.77 -2.23
C ALA B 371 5.13 -18.71 -2.31
N ILE B 372 4.91 -19.53 -1.28
CA ILE B 372 3.81 -20.48 -1.33
C ILE B 372 2.47 -19.75 -1.21
N HIS B 373 2.45 -18.61 -0.53
CA HIS B 373 1.24 -17.78 -0.52
C HIS B 373 0.92 -17.26 -1.90
N MET B 374 1.93 -16.73 -2.61
CA MET B 374 1.72 -16.22 -3.96
C MET B 374 1.45 -17.35 -4.95
N LEU B 375 1.99 -18.54 -4.69
CA LEU B 375 1.72 -19.67 -5.59
C LEU B 375 0.27 -20.08 -5.53
N ALA B 376 -0.32 -20.12 -4.34
CA ALA B 376 -1.74 -20.47 -4.22
C ALA B 376 -2.61 -19.41 -4.88
N LYS B 377 -2.21 -18.14 -4.77
CA LYS B 377 -2.97 -17.07 -5.40
C LYS B 377 -2.86 -17.13 -6.92
N HIS B 378 -1.68 -17.48 -7.44
CA HIS B 378 -1.44 -17.58 -8.87
C HIS B 378 -1.45 -19.02 -9.37
N PHE B 379 -2.15 -19.91 -8.69
CA PHE B 379 -2.11 -21.32 -9.05
C PHE B 379 -2.70 -21.51 -10.45
N PRO B 380 -2.04 -22.27 -11.32
CA PRO B 380 -2.49 -22.33 -12.71
C PRO B 380 -3.40 -23.51 -13.00
N ASP B 381 -3.83 -23.62 -14.24
CA ASP B 381 -4.31 -24.88 -14.79
C ASP B 381 -3.26 -25.40 -15.76
N LYS B 382 -3.60 -26.44 -16.53
CA LYS B 382 -2.60 -27.07 -17.37
C LYS B 382 -2.19 -26.21 -18.57
N THR B 383 -2.84 -25.06 -18.79
CA THR B 383 -2.41 -24.16 -19.85
C THR B 383 -1.25 -23.26 -19.44
N PHE B 384 -1.06 -23.04 -18.14
CA PHE B 384 0.03 -22.22 -17.60
C PHE B 384 0.11 -20.86 -18.31
N ASP B 385 -0.89 -20.04 -18.01
CA ASP B 385 -0.94 -18.67 -18.53
C ASP B 385 0.36 -17.94 -18.22
N LYS B 386 0.99 -17.39 -19.26
CA LYS B 386 2.23 -16.65 -19.07
C LYS B 386 2.05 -15.46 -18.13
N VAL B 387 0.87 -14.86 -18.11
CA VAL B 387 0.65 -13.71 -17.24
C VAL B 387 0.63 -14.14 -15.78
N LEU B 388 0.02 -15.29 -15.47
CA LEU B 388 0.08 -15.80 -14.10
C LEU B 388 1.51 -16.03 -13.67
N VAL B 389 2.31 -16.66 -14.52
CA VAL B 389 3.70 -16.96 -14.19
C VAL B 389 4.48 -15.66 -14.04
N ASP B 390 4.25 -14.69 -14.93
CA ASP B 390 4.98 -13.44 -14.87
C ASP B 390 4.65 -12.65 -13.61
N ARG B 391 3.37 -12.60 -13.24
CA ARG B 391 2.98 -11.83 -12.05
C ARG B 391 3.56 -12.46 -10.79
N PHE B 392 3.60 -13.80 -10.73
CA PHE B 392 4.26 -14.46 -9.62
C PHE B 392 5.73 -14.08 -9.57
N ASN B 393 6.43 -14.20 -10.71
CA ASN B 393 7.84 -13.85 -10.75
C ASN B 393 8.07 -12.40 -10.33
N ARG B 394 7.17 -11.50 -10.73
CA ARG B 394 7.31 -10.10 -10.38
C ARG B 394 7.26 -9.88 -8.87
N GLU B 395 6.33 -10.56 -8.19
CA GLU B 395 6.21 -10.41 -6.74
C GLU B 395 7.42 -10.98 -6.01
N ILE B 396 7.97 -12.08 -6.51
CA ILE B 396 9.11 -12.71 -5.83
C ILE B 396 10.34 -11.83 -5.95
N GLU B 397 10.61 -11.30 -7.15
CA GLU B 397 11.82 -10.52 -7.35
C GLU B 397 11.75 -9.17 -6.65
N GLU B 398 10.55 -8.59 -6.55
CA GLU B 398 10.41 -7.34 -5.80
C GLU B 398 10.58 -7.57 -4.31
N MET B 399 9.99 -8.65 -3.79
CA MET B 399 10.18 -9.02 -2.38
C MET B 399 11.65 -9.21 -2.07
N PHE B 400 12.38 -9.96 -2.91
CA PHE B 400 13.77 -10.25 -2.62
C PHE B 400 14.64 -9.01 -2.74
N ASP B 401 14.53 -8.28 -3.86
CA ASP B 401 15.38 -7.11 -4.05
C ASP B 401 15.18 -6.08 -2.96
N ASP B 402 13.96 -5.96 -2.44
CA ASP B 402 13.70 -5.00 -1.37
C ASP B 402 14.45 -5.38 -0.09
N THR B 403 14.38 -6.65 0.31
CA THR B 403 15.09 -7.09 1.51
C THR B 403 16.60 -7.07 1.30
N ARG B 404 17.06 -7.41 0.10
CA ARG B 404 18.50 -7.35 -0.21
C ARG B 404 19.03 -5.94 0.00
N ASP B 405 18.34 -4.93 -0.52
CA ASP B 405 18.77 -3.55 -0.32
C ASP B 405 18.76 -3.19 1.16
N PHE B 406 17.76 -3.65 1.91
CA PHE B 406 17.69 -3.35 3.33
C PHE B 406 18.89 -3.94 4.08
N LEU B 407 19.31 -5.15 3.70
CA LEU B 407 20.48 -5.75 4.35
C LEU B 407 21.76 -5.02 3.99
N GLN B 408 21.89 -4.59 2.74
CA GLN B 408 23.09 -3.86 2.33
C GLN B 408 23.26 -2.58 3.15
N ALA B 409 22.15 -1.93 3.52
CA ALA B 409 22.22 -0.73 4.35
C ALA B 409 22.87 -1.00 5.70
N HIS B 410 22.74 -2.23 6.22
CA HIS B 410 23.42 -2.57 7.46
C HIS B 410 24.93 -2.43 7.35
N TYR B 411 25.50 -2.88 6.23
CA TYR B 411 26.94 -2.85 6.07
C TYR B 411 27.43 -1.49 5.57
N TYR B 412 26.68 -0.86 4.67
CA TYR B 412 27.15 0.37 4.05
C TYR B 412 27.24 1.52 5.04
N PHE B 413 26.36 1.54 6.03
CA PHE B 413 26.30 2.64 7.00
C PHE B 413 26.92 2.27 8.34
N SER B 414 27.52 1.10 8.47
CA SER B 414 28.31 0.80 9.65
C SER B 414 29.53 1.72 9.68
N PRO B 415 29.79 2.40 10.80
CA PRO B 415 30.97 3.27 10.88
C PRO B 415 32.30 2.53 11.02
N ARG B 416 32.30 1.21 11.01
CA ARG B 416 33.54 0.45 11.17
C ARG B 416 34.36 0.47 9.89
N VAL B 417 35.67 0.69 10.05
CA VAL B 417 36.60 0.70 8.92
C VAL B 417 37.92 0.06 9.34
N ASP B 418 37.88 -0.80 10.36
CA ASP B 418 39.12 -1.28 10.96
C ASP B 418 39.71 -2.47 10.22
N THR B 419 38.89 -3.31 9.62
CA THR B 419 39.38 -4.47 8.88
C THR B 419 39.07 -4.32 7.39
N PRO B 420 39.79 -5.05 6.52
CA PRO B 420 39.49 -4.97 5.09
C PRO B 420 38.06 -5.32 4.74
N PHE B 421 37.42 -6.21 5.50
CA PHE B 421 36.03 -6.57 5.22
C PHE B 421 35.11 -5.35 5.40
N TRP B 422 35.20 -4.69 6.56
CA TRP B 422 34.36 -3.54 6.81
C TRP B 422 34.69 -2.38 5.89
N ARG B 423 35.96 -2.25 5.50
CA ARG B 423 36.35 -1.23 4.53
C ARG B 423 35.78 -1.55 3.14
N ALA B 424 35.74 -2.83 2.77
CA ALA B 424 35.29 -3.23 1.45
C ALA B 424 33.81 -2.99 1.23
N ASN B 425 33.01 -2.96 2.30
CA ASN B 425 31.58 -2.73 2.14
C ASN B 425 31.28 -1.32 1.64
N LYS B 426 32.16 -0.37 1.92
CA LYS B 426 31.93 1.00 1.46
C LYS B 426 32.22 1.17 -0.03
N GLU B 427 32.89 0.20 -0.67
CA GLU B 427 33.17 0.25 -2.10
C GLU B 427 32.06 -0.39 -2.94
N LEU B 428 31.14 -1.11 -2.32
CA LEU B 428 30.01 -1.64 -3.05
C LEU B 428 29.03 -0.51 -3.39
N LYS B 429 28.17 -0.77 -4.36
CA LYS B 429 27.22 0.24 -4.81
C LYS B 429 25.84 -0.03 -4.22
N LEU B 430 25.19 1.03 -3.76
CA LEU B 430 23.83 0.93 -3.27
C LEU B 430 22.86 0.90 -4.43
N ALA B 431 21.79 0.13 -4.28
CA ALA B 431 20.74 0.14 -5.28
C ALA B 431 20.06 1.50 -5.31
N ASP B 432 19.47 1.83 -6.46
CA ASP B 432 18.83 3.13 -6.60
C ASP B 432 17.68 3.30 -5.61
N SER B 433 16.97 2.21 -5.29
CA SER B 433 15.84 2.31 -4.38
C SER B 433 16.28 2.62 -2.97
N ILE B 434 17.39 2.02 -2.51
CA ILE B 434 17.85 2.31 -1.15
C ILE B 434 18.55 3.67 -1.10
N LYS B 435 19.19 4.09 -2.19
CA LYS B 435 19.69 5.45 -2.27
C LYS B 435 18.55 6.45 -2.12
N ASP B 436 17.43 6.19 -2.80
CA ASP B 436 16.28 7.07 -2.73
C ASP B 436 15.71 7.13 -1.32
N LYS B 437 15.61 5.98 -0.65
CA LYS B 437 15.07 5.96 0.71
C LYS B 437 15.96 6.73 1.68
N VAL B 438 17.28 6.59 1.55
CA VAL B 438 18.19 7.33 2.41
C VAL B 438 18.04 8.83 2.19
N GLU B 439 17.96 9.25 0.92
CA GLU B 439 17.75 10.65 0.61
C GLU B 439 16.48 11.17 1.29
N THR B 440 15.41 10.37 1.26
CA THR B 440 14.18 10.77 1.93
C THR B 440 14.36 10.84 3.44
N TYR B 441 15.03 9.84 4.01
CA TYR B 441 15.28 9.81 5.45
C TYR B 441 16.11 11.02 5.89
N ARG B 442 17.14 11.37 5.12
CA ARG B 442 18.02 12.47 5.48
C ARG B 442 17.32 13.82 5.44
N ALA B 443 16.22 13.93 4.70
CA ALA B 443 15.43 15.16 4.68
C ALA B 443 14.50 15.28 5.88
N GLY B 444 14.44 14.25 6.74
CA GLY B 444 13.53 14.25 7.86
C GLY B 444 12.17 13.66 7.57
N LEU B 445 11.94 13.18 6.35
CA LEU B 445 10.66 12.61 5.96
C LEU B 445 10.57 11.14 6.36
N PRO B 446 9.35 10.63 6.57
CA PRO B 446 9.20 9.20 6.83
C PRO B 446 9.45 8.37 5.58
N VAL B 447 9.93 7.14 5.81
CA VAL B 447 10.21 6.18 4.74
C VAL B 447 9.28 4.99 4.93
N ASN B 448 8.42 4.74 3.94
CA ASN B 448 7.47 3.63 4.00
C ASN B 448 6.58 3.76 5.23
N LEU B 449 5.86 4.87 5.28
CA LEU B 449 4.99 5.18 6.41
C LEU B 449 3.91 4.11 6.56
N PRO B 450 3.72 3.55 7.76
CA PRO B 450 2.63 2.59 7.95
C PRO B 450 1.28 3.29 7.87
N VAL B 451 0.34 2.65 7.18
CA VAL B 451 -1.00 3.21 7.00
C VAL B 451 -2.06 2.39 7.72
N THR B 452 -1.68 1.36 8.46
CA THR B 452 -2.63 0.50 9.16
C THR B 452 -2.24 0.37 10.62
N ASP B 453 -3.22 -0.05 11.43
CA ASP B 453 -2.93 -0.46 12.79
C ASP B 453 -2.27 -1.83 12.80
N GLU B 454 -1.77 -2.23 13.97
CA GLU B 454 -1.09 -3.51 14.08
C GLU B 454 -2.04 -4.68 13.86
N GLY B 455 -3.33 -4.51 14.18
CA GLY B 455 -4.28 -5.58 13.96
C GLY B 455 -4.40 -5.95 12.48
N THR B 456 -4.58 -4.96 11.62
CA THR B 456 -4.63 -5.21 10.19
C THR B 456 -3.27 -5.66 9.66
N TYR B 457 -2.19 -5.08 10.18
CA TYR B 457 -0.86 -5.34 9.64
C TYR B 457 -0.45 -6.81 9.81
N TYR B 458 -0.62 -7.34 11.01
CA TYR B 458 -0.22 -8.73 11.30
C TYR B 458 -1.35 -9.73 11.10
N GLY B 459 -2.57 -9.28 10.86
CA GLY B 459 -3.69 -10.19 10.67
C GLY B 459 -3.94 -10.47 9.20
N ASN B 460 -3.48 -9.59 8.32
CA ASN B 460 -3.58 -9.75 6.88
C ASN B 460 -2.18 -9.74 6.30
N PHE B 461 -1.78 -10.86 5.68
CA PHE B 461 -0.43 -10.95 5.13
C PHE B 461 -0.23 -9.99 3.97
N GLU B 462 -1.27 -9.79 3.15
CA GLU B 462 -1.15 -8.90 2.00
C GLU B 462 -0.83 -7.47 2.44
N ALA B 463 -1.32 -7.06 3.62
CA ALA B 463 -1.00 -5.71 4.11
C ALA B 463 0.48 -5.58 4.46
N GLU B 464 1.03 -6.60 5.13
CA GLU B 464 2.45 -6.56 5.47
C GLU B 464 3.33 -6.76 4.23
N PHE B 465 2.88 -7.57 3.28
CA PHE B 465 3.68 -7.85 2.09
C PHE B 465 3.87 -6.59 1.24
N ARG B 466 2.89 -5.69 1.23
CA ARG B 466 3.02 -4.44 0.50
C ARG B 466 3.84 -3.39 1.23
N ASN B 467 4.26 -3.67 2.46
CA ASN B 467 5.00 -2.71 3.26
C ASN B 467 5.80 -3.43 4.36
N PHE B 468 6.77 -4.27 3.96
CA PHE B 468 7.41 -5.15 4.93
C PHE B 468 8.37 -4.39 5.82
N TRP B 469 9.25 -3.58 5.24
CA TRP B 469 10.18 -2.75 5.99
C TRP B 469 9.56 -1.36 6.11
N THR B 470 8.95 -1.08 7.26
CA THR B 470 8.25 0.18 7.48
C THR B 470 9.20 1.24 8.03
N ASN B 471 8.64 2.41 8.33
CA ASN B 471 9.42 3.54 8.84
C ASN B 471 10.16 3.19 10.12
N GLY B 472 9.52 2.43 11.01
CA GLY B 472 10.17 2.06 12.25
C GLY B 472 11.45 1.25 12.02
N SER B 473 11.42 0.36 11.02
CA SER B 473 12.57 -0.51 10.77
C SER B 473 13.75 0.28 10.22
N TYR B 474 13.49 1.23 9.29
CA TYR B 474 14.58 2.03 8.75
C TYR B 474 15.18 2.92 9.83
N TYR B 475 14.37 3.43 10.75
CA TYR B 475 14.93 4.22 11.85
C TYR B 475 15.72 3.36 12.81
N CYS B 476 15.28 2.12 13.05
CA CYS B 476 16.03 1.20 13.91
C CYS B 476 17.44 1.00 13.40
N ILE B 477 17.60 0.82 12.09
CA ILE B 477 18.91 0.50 11.53
C ILE B 477 19.74 1.76 11.30
N PHE B 478 19.15 2.76 10.64
CA PHE B 478 19.87 4.01 10.36
C PHE B 478 20.31 4.68 11.66
N ALA B 479 19.35 4.99 12.54
CA ALA B 479 19.70 5.65 13.79
C ALA B 479 20.53 4.75 14.69
N GLY B 480 20.29 3.44 14.64
CA GLY B 480 21.10 2.52 15.42
C GLY B 480 22.58 2.57 15.04
N LEU B 481 22.86 2.72 13.75
CA LEU B 481 24.24 2.79 13.28
C LEU B 481 24.83 4.20 13.37
N GLY B 482 24.03 5.19 13.73
CA GLY B 482 24.50 6.55 13.86
C GLY B 482 24.15 7.48 12.72
N LEU B 483 23.37 7.01 11.75
CA LEU B 483 22.94 7.82 10.62
C LEU B 483 21.67 8.57 11.02
N MET B 484 21.78 9.89 11.13
CA MET B 484 20.66 10.73 11.52
C MET B 484 20.20 11.58 10.35
N PRO B 485 18.96 12.09 10.37
CA PRO B 485 18.56 13.07 9.37
C PRO B 485 19.41 14.33 9.45
N ARG B 486 19.43 15.08 8.35
CA ARG B 486 20.14 16.35 8.33
C ARG B 486 19.52 17.32 9.34
N ASN B 487 18.21 17.26 9.50
CA ASN B 487 17.47 18.20 10.33
C ASN B 487 16.13 17.55 10.69
N PRO B 488 15.43 18.05 11.71
CA PRO B 488 14.11 17.51 12.02
C PRO B 488 13.15 17.73 10.85
N LEU B 489 12.05 16.99 10.87
CA LEU B 489 10.97 17.21 9.92
C LEU B 489 10.54 18.67 9.99
N PRO B 490 10.71 19.45 8.92
CA PRO B 490 10.45 20.89 9.00
C PRO B 490 9.04 21.25 9.44
N ALA B 491 8.06 20.41 9.16
CA ALA B 491 6.69 20.70 9.58
C ALA B 491 6.55 20.75 11.10
N LEU B 492 7.43 20.07 11.84
CA LEU B 492 7.36 20.08 13.29
C LEU B 492 7.64 21.45 13.88
N ALA B 493 8.39 22.31 13.17
CA ALA B 493 8.68 23.64 13.65
C ALA B 493 7.43 24.51 13.73
N TYR B 494 6.33 24.10 13.11
CA TYR B 494 5.08 24.85 13.11
C TYR B 494 4.00 24.19 13.96
N LYS B 495 4.34 23.12 14.69
CA LYS B 495 3.35 22.29 15.37
C LYS B 495 3.74 22.11 16.84
N PRO B 496 3.66 23.17 17.65
CA PRO B 496 4.00 23.02 19.06
C PRO B 496 3.00 22.15 19.82
N GLN B 497 1.72 22.17 19.43
CA GLN B 497 0.73 21.33 20.09
C GLN B 497 0.98 19.86 19.80
N SER B 498 1.44 19.54 18.60
CA SER B 498 1.72 18.15 18.26
C SER B 498 2.96 17.64 18.99
N ILE B 499 3.96 18.50 19.15
CA ILE B 499 5.17 18.11 19.89
C ILE B 499 4.80 17.76 21.33
N ALA B 500 3.94 18.56 21.95
CA ALA B 500 3.49 18.26 23.31
C ALA B 500 2.70 16.97 23.35
N GLU B 501 1.88 16.72 22.33
CA GLU B 501 1.11 15.48 22.26
C GLU B 501 2.04 14.27 22.23
N ALA B 502 3.15 14.37 21.51
CA ALA B 502 4.09 13.26 21.45
C ALA B 502 4.81 13.06 22.77
N GLU B 503 4.96 14.11 23.58
CA GLU B 503 5.57 13.96 24.88
C GLU B 503 4.77 13.01 25.77
N LEU B 504 3.44 13.02 25.63
CA LEU B 504 2.62 12.04 26.34
C LEU B 504 2.90 10.63 25.83
N LEU B 505 3.11 10.49 24.52
CA LEU B 505 3.45 9.18 23.96
C LEU B 505 4.78 8.67 24.51
N PHE B 506 5.79 9.55 24.60
CA PHE B 506 7.06 9.15 25.19
C PHE B 506 6.88 8.71 26.64
N ALA B 507 6.01 9.40 27.37
CA ALA B 507 5.76 9.02 28.76
C ALA B 507 5.06 7.67 28.86
N ASP B 508 4.22 7.33 27.87
CA ASP B 508 3.55 6.04 27.89
C ASP B 508 4.53 4.91 27.63
N VAL B 509 5.51 5.13 26.76
CA VAL B 509 6.53 4.12 26.49
C VAL B 509 7.34 3.85 27.76
N LYS B 510 7.69 4.90 28.49
CA LYS B 510 8.37 4.71 29.77
C LYS B 510 7.47 4.00 30.77
N ARG B 511 6.19 4.41 30.82
CA ARG B 511 5.25 3.82 31.78
C ARG B 511 4.97 2.36 31.48
N LYS B 512 4.74 2.03 30.20
CA LYS B 512 4.46 0.65 29.83
C LYS B 512 5.65 -0.25 30.15
N GLY B 513 6.85 0.17 29.76
CA GLY B 513 8.03 -0.64 30.01
C GLY B 513 8.25 -0.89 31.50
N ASP B 514 8.12 0.17 32.31
CA ASP B 514 8.35 0.03 33.74
C ASP B 514 7.30 -0.87 34.38
N THR B 515 6.03 -0.72 34.01
CA THR B 515 4.98 -1.55 34.57
C THR B 515 5.17 -3.01 34.17
N LEU B 516 5.54 -3.25 32.91
CA LEU B 516 5.67 -4.63 32.43
C LEU B 516 6.91 -5.30 32.97
N VAL B 517 8.00 -4.56 33.16
CA VAL B 517 9.20 -5.14 33.76
C VAL B 517 8.91 -5.67 35.16
N GLU B 518 7.94 -5.07 35.85
CA GLU B 518 7.59 -5.52 37.19
C GLU B 518 6.73 -6.78 37.15
N SER B 519 5.72 -6.81 36.28
CA SER B 519 4.69 -7.84 36.32
C SER B 519 4.95 -9.01 35.39
N LEU B 520 5.70 -8.82 34.30
CA LEU B 520 5.93 -9.90 33.35
C LEU B 520 6.83 -10.97 33.97
N PRO B 521 6.62 -12.22 33.62
CA PRO B 521 7.56 -13.28 34.02
C PRO B 521 8.80 -13.27 33.15
N SER B 522 9.85 -13.91 33.65
CA SER B 522 11.06 -14.08 32.87
C SER B 522 10.80 -15.02 31.69
N THR B 523 11.61 -14.85 30.64
CA THR B 523 11.51 -15.74 29.49
C THR B 523 11.75 -17.20 29.89
N TYR B 524 12.70 -17.43 30.79
CA TYR B 524 12.97 -18.78 31.26
C TYR B 524 11.75 -19.38 31.95
N ASP B 525 11.02 -18.58 32.73
CA ASP B 525 9.87 -19.12 33.47
C ASP B 525 8.69 -19.40 32.55
N LEU B 526 8.48 -18.56 31.54
CA LEU B 526 7.40 -18.82 30.60
C LEU B 526 7.68 -20.06 29.77
N LEU B 527 8.95 -20.27 29.41
CA LEU B 527 9.31 -21.48 28.65
C LEU B 527 9.07 -22.74 29.46
N ARG B 528 9.44 -22.73 30.75
CA ARG B 528 9.20 -23.89 31.59
C ARG B 528 7.71 -24.19 31.70
N GLN B 529 6.88 -23.14 31.81
CA GLN B 529 5.44 -23.36 31.85
C GLN B 529 4.92 -23.89 30.52
N LEU B 530 5.43 -23.35 29.41
CA LEU B 530 4.98 -23.79 28.10
C LEU B 530 5.38 -25.22 27.82
N HIS B 531 6.64 -25.56 28.06
CA HIS B 531 7.17 -26.89 27.79
C HIS B 531 7.05 -27.83 28.98
N GLY B 532 6.29 -27.46 30.00
CA GLY B 532 6.11 -28.28 31.18
C GLY B 532 5.17 -29.45 30.95
N BTR C . -11.02 5.93 -3.23
CA BTR C . -12.38 6.05 -3.83
C BTR C . -13.45 5.83 -2.70
O BTR C . -14.10 6.85 -2.28
OXT BTR C . -13.67 4.65 -2.23
CB BTR C . -12.61 5.01 -4.96
CG BTR C . -13.98 5.09 -5.63
CD1 BTR C . -14.93 4.06 -5.66
NE1 BTR C . -16.08 4.47 -6.36
CE2 BTR C . -15.90 5.78 -6.80
CD2 BTR C . -14.60 6.20 -6.35
CE3 BTR C . -14.18 7.51 -6.67
CZ3 BTR C . -15.02 8.38 -7.39
CH2 BTR C . -16.28 7.91 -7.80
BR2 BTR C . -17.43 9.14 -8.83
CZ2 BTR C . -16.75 6.63 -7.53
P PO4 D . -21.40 7.84 11.22
O1 PO4 D . -20.81 8.98 10.41
O2 PO4 D . -21.07 6.52 10.57
O3 PO4 D . -20.83 7.86 12.61
O4 PO4 D . -22.91 8.00 11.28
C1 GOL E . -18.54 8.77 4.97
O1 GOL E . -19.65 9.15 4.19
C2 GOL E . -17.82 7.61 4.22
O2 GOL E . -18.69 6.79 3.54
C3 GOL E . -17.00 6.86 5.31
O3 GOL E . -15.98 7.70 5.73
N BTR F . -7.47 6.61 -38.15
CA BTR F . -6.43 5.54 -38.17
C BTR F . -7.03 4.27 -38.89
O BTR F . -6.32 3.19 -38.87
OXT BTR F . -8.16 4.33 -39.48
CB BTR F . -5.95 5.15 -36.71
CG BTR F . -6.74 4.06 -35.97
CD1 BTR F . -6.18 2.96 -35.30
NE1 BTR F . -7.18 2.16 -34.74
CE2 BTR F . -8.44 2.72 -35.01
CD2 BTR F . -8.20 3.91 -35.78
CE3 BTR F . -9.34 4.64 -36.18
CZ3 BTR F . -10.64 4.25 -35.84
CH2 BTR F . -10.82 3.08 -35.08
BR2 BTR F . -12.67 2.53 -34.61
CZ2 BTR F . -9.75 2.29 -34.65
P PO4 G . 2.93 9.52 -21.10
O1 PO4 G . 2.57 10.45 -19.97
O2 PO4 G . 2.13 9.87 -22.34
O3 PO4 G . 4.41 9.65 -21.41
O4 PO4 G . 2.62 8.09 -20.70
N BTR H . 7.20 -6.77 8.53
CA BTR H . 8.15 -7.01 9.66
C BTR H . 7.31 -7.23 10.98
O BTR H . 7.06 -8.44 11.32
OXT BTR H . 6.92 -6.23 11.68
CB BTR H . 9.11 -5.80 9.87
CG BTR H . 10.12 -5.97 11.01
CD1 BTR H . 10.23 -5.17 12.14
NE1 BTR H . 11.27 -5.62 12.97
CE2 BTR H . 11.85 -6.74 12.39
CD2 BTR H . 11.16 -6.99 11.16
CE3 BTR H . 11.58 -8.10 10.40
CZ3 BTR H . 12.65 -8.92 10.81
CH2 BTR H . 13.29 -8.62 12.02
BR2 BTR H . 14.78 -9.79 12.59
CZ2 BTR H . 12.94 -7.55 12.84
P PO4 I . 17.02 -17.87 -22.61
O1 PO4 I . 17.85 -16.63 -22.91
O2 PO4 I . 17.71 -18.68 -21.54
O3 PO4 I . 16.90 -18.70 -23.87
O4 PO4 I . 15.65 -17.47 -22.14
P PO4 J . 12.02 -19.05 -22.18
O1 PO4 J . 11.80 -19.15 -23.67
O2 PO4 J . 12.53 -17.67 -21.84
O3 PO4 J . 13.04 -20.08 -21.75
O4 PO4 J . 10.71 -19.31 -21.46
N BTR K . 1.05 -40.70 -18.38
CA BTR K . 1.73 -39.41 -18.72
C BTR K . 0.69 -38.24 -18.53
O BTR K . 1.15 -37.09 -18.20
OXT BTR K . -0.57 -38.44 -18.69
CB BTR K . 2.26 -39.41 -20.19
CG BTR K . 3.28 -40.50 -20.51
CD1 BTR K . 3.06 -41.60 -21.35
NE1 BTR K . 4.20 -42.42 -21.41
CE2 BTR K . 5.19 -41.86 -20.59
CD2 BTR K . 4.64 -40.67 -20.01
CE3 BTR K . 5.47 -39.93 -19.14
CZ3 BTR K . 6.77 -40.34 -18.84
CH2 BTR K . 7.25 -41.51 -19.44
BR2 BTR K . 9.09 -42.10 -19.03
CZ2 BTR K . 6.51 -42.30 -20.32
N BTR L . 13.53 -36.85 -24.20
CA BTR L . 13.27 -36.76 -22.73
C BTR L . 14.41 -35.88 -22.07
O BTR L . 15.47 -35.68 -22.76
OXT BTR L . 14.26 -35.40 -20.89
CB BTR L . 13.23 -38.17 -22.06
CG BTR L . 12.02 -39.00 -22.45
CD1 BTR L . 12.04 -40.27 -23.02
NE1 BTR L . 10.73 -40.72 -23.26
CE2 BTR L . 9.83 -39.74 -22.86
CD2 BTR L . 10.60 -38.64 -22.35
CE3 BTR L . 9.89 -37.52 -21.87
CZ3 BTR L . 8.48 -37.47 -21.90
CH2 BTR L . 7.79 -38.57 -22.41
BR2 BTR L . 5.81 -38.51 -22.45
CZ2 BTR L . 8.42 -39.72 -22.90
P PO4 M . 21.54 -4.93 -9.74
O1 PO4 M . 20.55 -4.18 -8.87
O2 PO4 M . 21.54 -4.34 -11.12
O3 PO4 M . 22.92 -4.82 -9.13
O4 PO4 M . 21.14 -6.38 -9.79
#